data_3LEV
#
_entry.id   3LEV
#
_cell.length_a   58.506
_cell.length_b   63.933
_cell.length_c   200.019
_cell.angle_alpha   90.00
_cell.angle_beta   90.00
_cell.angle_gamma   90.00
#
_symmetry.space_group_name_H-M   'P 21 21 21'
#
loop_
_entity.id
_entity.type
_entity.pdbx_description
1 polymer 'RNA polymerase sigma factor'
2 polymer '2F5 ANTIBODY LIGHT CHAIN'
3 polymer '2F5 ANTIBODY HEAVY CHAIN'
4 non-polymer 'PENTAETHYLENE GLYCOL'
5 non-polymer "ADENOSINE-5'-TRIPHOSPHATE"
6 non-polymer GLYCEROL
7 water water
#
loop_
_entity_poly.entity_id
_entity_poly.type
_entity_poly.pdbx_seq_one_letter_code
_entity_poly.pdbx_strand_id
1 'polypeptide(L)'
;SDPVRQYLHEIGEVLELDKWAELGAAAKVEEGMEAIKKLSEATGLDQELIREVVRAKILGTAAIQKIPGLKEKPDPKTVE
EVDGKLKSLPKELKRYLHIAREGEAARQHLIEANLRLVVSIAKKYTGRGLSFLDLIQEGNQGLIRAVEKFEYKRGFAFST
YATWWIRQAINRAIADQAR
;
A
2 'polypeptide(L)'
;ALQLTQSPSSLSASVGDRITITCRASQGVTSALAWYRQKPGSPPQLLIYDASSLESGVPSRFSGSGSGTEFTLTISTLRP
EDFATYYCQQLHFYPHTFGGGTRVDVRRTVAAPSVFIFPPSDEQLKSGTASVVCLLNNFYPREAKVQWKVDNALQSGNSQ
ESVTEQDSKDSTYSLSSTLTLSKADYEKHKVYACEVTHQGLSSPVTKSFNRGEC
;
L
3 'polypeptide(L)'
;RITLKESGPPLVKPTQTLTLTCSFSGFSLSDFGVGVGWIRQPPGKALEWLAIIYSDDDKRYSPSLNTRLTITKDTSKNQV
VLVMTRVSPVDTATYFCAHRRGPTTLFGVPIARGPVNAMDVWGQGITVTISSTSTKGPSVFPLAPSSKSTSGGTAALGCL
VKDYFPEPVTVSWNSGALTSGVHTFPAVLQSSGLYSLSSVVTVPSSSLGTQTYICNVNHKPSNTKVDKKVEPKSCDK
;
H
#
loop_
_chem_comp.id
_chem_comp.type
_chem_comp.name
_chem_comp.formula
1PE non-polymer 'PENTAETHYLENE GLYCOL' 'C10 H22 O6'
ATP non-polymer ADENOSINE-5'-TRIPHOSPHATE 'C10 H16 N5 O13 P3'
GOL non-polymer GLYCEROL 'C3 H8 O3'
#
# COMPACT_ATOMS: atom_id res chain seq x y z
N SER A 1 27.37 -18.49 22.23
CA SER A 1 26.73 -18.78 20.94
C SER A 1 27.68 -18.49 19.79
N ASP A 2 27.89 -19.48 18.94
CA ASP A 2 28.73 -19.33 17.76
C ASP A 2 28.41 -18.01 17.07
N PRO A 3 29.46 -17.20 16.82
CA PRO A 3 29.29 -15.91 16.11
C PRO A 3 28.52 -16.08 14.79
N VAL A 4 28.38 -17.32 14.34
CA VAL A 4 27.52 -17.62 13.19
C VAL A 4 26.10 -17.14 13.48
N ARG A 5 25.78 -16.96 14.76
CA ARG A 5 24.48 -16.43 15.15
C ARG A 5 24.62 -15.04 15.78
N GLN A 6 25.72 -14.82 16.49
CA GLN A 6 25.98 -13.53 17.11
C GLN A 6 26.10 -12.45 16.04
N TYR A 7 26.98 -12.68 15.08
CA TYR A 7 27.17 -11.75 13.97
C TYR A 7 25.90 -11.67 13.12
N LEU A 8 25.52 -12.80 12.52
CA LEU A 8 24.36 -12.84 11.62
C LEU A 8 23.12 -12.17 12.19
N HIS A 9 22.95 -12.24 13.51
CA HIS A 9 21.81 -11.62 14.16
C HIS A 9 21.92 -10.10 14.15
N GLU A 10 23.13 -9.58 14.37
CA GLU A 10 23.40 -8.15 14.37
C GLU A 10 23.05 -7.53 13.02
N ILE A 11 23.58 -8.14 11.96
CA ILE A 11 23.45 -7.63 10.60
C ILE A 11 22.04 -7.84 10.06
N GLY A 12 21.38 -8.90 10.51
CA GLY A 12 20.02 -9.20 10.11
C GLY A 12 19.04 -8.17 10.63
N GLU A 13 19.56 -7.19 11.35
CA GLU A 13 18.75 -6.10 11.88
C GLU A 13 19.09 -4.77 11.19
N VAL A 14 20.07 -4.83 10.28
CA VAL A 14 20.43 -3.66 9.48
C VAL A 14 19.60 -3.61 8.19
N LEU A 15 19.13 -2.42 7.84
CA LEU A 15 18.31 -2.24 6.64
C LEU A 15 19.15 -1.93 5.40
N GLU A 16 18.64 -2.36 4.24
CA GLU A 16 19.28 -2.04 2.97
C GLU A 16 18.94 -0.61 2.54
N LEU A 17 19.93 0.08 1.99
CA LEU A 17 19.73 1.45 1.51
C LEU A 17 19.06 1.51 0.15
N ASP A 18 18.13 2.44 -0.01
CA ASP A 18 17.48 2.68 -1.30
C ASP A 18 18.53 2.93 -2.38
N LYS A 19 18.14 2.69 -3.63
CA LYS A 19 19.06 2.90 -4.74
C LYS A 19 19.73 4.27 -4.72
N TRP A 20 18.94 5.30 -4.45
CA TRP A 20 19.43 6.67 -4.45
C TRP A 20 19.97 7.12 -3.09
N ALA A 21 19.55 6.43 -2.03
CA ALA A 21 20.08 6.68 -0.70
C ALA A 21 21.53 6.19 -0.65
N GLU A 22 21.82 5.11 -1.37
CA GLU A 22 23.20 4.63 -1.48
C GLU A 22 24.06 5.60 -2.29
N LEU A 23 23.66 5.86 -3.53
CA LEU A 23 24.42 6.76 -4.40
C LEU A 23 24.68 8.10 -3.74
N GLY A 24 23.78 8.50 -2.84
CA GLY A 24 23.94 9.74 -2.11
C GLY A 24 25.02 9.64 -1.04
N ALA A 25 25.10 8.47 -0.41
CA ALA A 25 26.08 8.24 0.64
C ALA A 25 27.45 8.04 0.02
N ALA A 26 27.50 7.27 -1.05
CA ALA A 26 28.73 7.01 -1.78
C ALA A 26 29.36 8.29 -2.30
N ALA A 27 28.53 9.29 -2.59
CA ALA A 27 29.02 10.59 -2.99
C ALA A 27 29.51 11.36 -1.77
N LYS A 28 28.81 11.19 -0.66
CA LYS A 28 29.14 11.90 0.57
C LYS A 28 30.50 11.44 1.09
N VAL A 29 30.89 10.24 0.70
CA VAL A 29 32.19 9.70 1.07
C VAL A 29 33.30 10.43 0.32
N GLU A 30 33.07 10.69 -0.97
CA GLU A 30 34.04 11.43 -1.77
C GLU A 30 34.18 12.87 -1.31
N GLU A 31 33.10 13.43 -0.74
CA GLU A 31 33.15 14.79 -0.21
C GLU A 31 33.91 14.82 1.11
N GLY A 32 33.81 13.73 1.87
CA GLY A 32 34.55 13.60 3.11
C GLY A 32 35.92 12.99 2.86
N MET A 33 36.29 12.93 1.59
CA MET A 33 37.60 12.42 1.18
C MET A 33 38.35 13.52 0.44
N GLU A 34 37.62 14.59 0.12
CA GLU A 34 38.21 15.77 -0.48
C GLU A 34 38.43 16.78 0.63
N ALA A 35 37.65 16.65 1.71
CA ALA A 35 37.80 17.50 2.89
C ALA A 35 38.92 16.97 3.76
N ILE A 36 39.35 15.74 3.49
CA ILE A 36 40.50 15.16 4.19
C ILE A 36 41.79 15.60 3.50
N LYS A 37 41.70 15.92 2.21
CA LYS A 37 42.83 16.49 1.50
C LYS A 37 43.10 17.90 2.02
N LYS A 38 42.04 18.59 2.41
CA LYS A 38 42.16 19.95 2.92
C LYS A 38 42.60 19.96 4.39
N LEU A 39 42.05 19.04 5.18
CA LEU A 39 42.36 18.96 6.61
C LEU A 39 43.70 18.28 6.85
N SER A 40 44.31 17.82 5.77
CA SER A 40 45.61 17.18 5.81
C SER A 40 46.72 18.13 5.37
N GLU A 41 46.44 18.89 4.31
CA GLU A 41 47.40 19.89 3.82
C GLU A 41 47.19 21.22 4.54
N ALA A 42 47.30 21.17 5.87
CA ALA A 42 47.08 22.34 6.71
C ALA A 42 47.54 22.05 8.13
N THR A 43 47.13 20.89 8.64
CA THR A 43 47.57 20.42 9.95
C THR A 43 48.95 19.81 9.79
N GLY A 44 49.29 19.45 8.56
CA GLY A 44 50.62 18.99 8.24
C GLY A 44 50.67 17.59 7.65
N LEU A 45 51.01 17.53 6.37
CA LEU A 45 51.17 16.26 5.66
C LEU A 45 49.93 15.37 5.60
N ASP A 46 50.09 14.24 4.92
CA ASP A 46 48.99 13.55 4.24
C ASP A 46 47.85 13.00 5.11
N GLN A 47 46.94 12.28 4.46
CA GLN A 47 45.57 12.11 4.95
C GLN A 47 45.32 10.96 5.92
N GLU A 48 45.70 9.76 5.52
CA GLU A 48 45.22 8.52 6.14
C GLU A 48 45.12 8.54 7.66
N LEU A 49 46.04 9.24 8.31
CA LEU A 49 45.99 9.40 9.75
C LEU A 49 44.66 10.01 10.17
N ILE A 50 44.32 11.15 9.56
CA ILE A 50 43.09 11.84 9.86
C ILE A 50 41.87 10.95 9.59
N ARG A 51 41.91 10.23 8.49
CA ARG A 51 40.79 9.39 8.09
C ARG A 51 40.46 8.31 9.12
N GLU A 52 41.50 7.66 9.63
CA GLU A 52 41.33 6.61 10.63
C GLU A 52 40.85 7.17 11.96
N VAL A 53 41.29 8.38 12.28
CA VAL A 53 40.89 9.04 13.51
C VAL A 53 39.40 9.36 13.47
N VAL A 54 38.98 10.07 12.43
CA VAL A 54 37.57 10.39 12.25
C VAL A 54 36.74 9.11 12.17
N ARG A 55 37.32 8.07 11.57
CA ARG A 55 36.65 6.79 11.46
C ARG A 55 36.41 6.16 12.84
N ALA A 56 37.34 6.38 13.76
CA ALA A 56 37.22 5.86 15.11
C ALA A 56 36.19 6.67 15.90
N LYS A 57 36.21 7.99 15.71
CA LYS A 57 35.22 8.89 16.30
C LYS A 57 33.79 8.49 15.92
N ILE A 58 33.54 8.30 14.64
CA ILE A 58 32.25 7.86 14.12
C ILE A 58 31.97 6.42 14.51
N LEU A 59 33.03 5.60 14.55
CA LEU A 59 32.89 4.18 14.84
C LEU A 59 32.48 3.95 16.30
N GLY A 60 32.55 5.00 17.11
CA GLY A 60 32.21 4.90 18.52
C GLY A 60 30.73 4.63 18.76
N THR A 61 29.88 5.09 17.84
CA THR A 61 28.44 4.92 17.99
C THR A 61 27.85 4.06 16.87
N ALA A 62 28.70 3.31 16.18
CA ALA A 62 28.26 2.44 15.09
C ALA A 62 27.43 1.27 15.61
N ALA A 63 26.39 0.90 14.87
CA ALA A 63 25.53 -0.22 15.24
C ALA A 63 26.26 -1.55 15.11
N ILE A 64 27.29 -1.57 14.26
CA ILE A 64 28.10 -2.77 14.05
C ILE A 64 29.58 -2.45 14.13
N GLN A 65 30.18 -2.70 15.30
CA GLN A 65 31.57 -2.33 15.56
C GLN A 65 32.56 -3.43 15.23
N LYS A 66 32.13 -4.69 15.32
CA LYS A 66 33.01 -5.82 15.02
C LYS A 66 32.89 -6.30 13.57
N ILE A 67 33.77 -5.82 12.71
CA ILE A 67 33.76 -6.22 11.30
C ILE A 67 34.98 -7.07 10.95
N PRO A 68 34.76 -8.37 10.71
CA PRO A 68 35.80 -9.34 10.34
C PRO A 68 36.56 -8.93 9.08
N GLY A 69 37.87 -8.79 9.18
CA GLY A 69 38.68 -8.42 8.04
C GLY A 69 39.24 -7.01 8.16
N LEU A 70 38.62 -6.20 9.01
CA LEU A 70 39.08 -4.83 9.20
C LEU A 70 40.11 -4.75 10.32
N LYS A 71 41.28 -4.21 10.00
CA LYS A 71 42.35 -4.07 10.97
C LYS A 71 42.12 -2.86 11.86
N GLU A 72 41.12 -2.95 12.72
CA GLU A 72 40.80 -1.88 13.64
C GLU A 72 42.02 -1.49 14.46
N LYS A 73 42.55 -0.30 14.21
CA LYS A 73 43.71 0.21 14.93
C LYS A 73 43.30 1.36 15.84
N PRO A 74 42.73 1.04 17.01
CA PRO A 74 42.24 2.06 17.94
C PRO A 74 43.35 2.99 18.43
N ASP A 75 44.42 2.42 18.98
CA ASP A 75 45.47 3.21 19.62
C ASP A 75 44.82 4.14 20.64
N PRO A 76 44.41 3.59 21.79
CA PRO A 76 43.66 4.29 22.83
C PRO A 76 44.20 5.68 23.14
N LYS A 77 45.49 5.89 22.87
CA LYS A 77 46.13 7.17 23.15
C LYS A 77 46.08 8.09 21.93
N THR A 78 46.37 7.54 20.75
CA THR A 78 46.41 8.32 19.52
C THR A 78 45.11 9.09 19.29
N VAL A 79 44.03 8.64 19.94
CA VAL A 79 42.74 9.29 19.81
C VAL A 79 42.79 10.75 20.26
N GLU A 80 42.92 10.96 21.56
CA GLU A 80 43.01 12.30 22.13
C GLU A 80 44.20 13.05 21.52
N GLU A 81 45.11 12.29 20.94
CA GLU A 81 46.31 12.84 20.30
C GLU A 81 45.96 13.66 19.06
N VAL A 82 45.20 13.05 18.15
CA VAL A 82 44.84 13.72 16.90
C VAL A 82 43.49 14.45 17.03
N ASP A 83 42.68 14.01 17.99
CA ASP A 83 41.40 14.68 18.26
C ASP A 83 41.64 16.13 18.64
N GLY A 84 42.57 16.35 19.56
CA GLY A 84 42.93 17.70 19.98
C GLY A 84 43.68 18.43 18.89
N LYS A 85 44.48 17.68 18.13
CA LYS A 85 45.27 18.27 17.04
C LYS A 85 44.39 18.54 15.82
N LEU A 86 43.11 18.78 16.06
CA LEU A 86 42.17 19.11 14.99
C LEU A 86 41.06 20.03 15.45
N LYS A 87 40.47 19.72 16.60
CA LYS A 87 39.31 20.45 17.09
C LYS A 87 39.61 21.93 17.31
N SER A 88 40.90 22.27 17.33
CA SER A 88 41.32 23.65 17.54
C SER A 88 41.97 24.23 16.28
N LEU A 89 41.15 24.62 15.32
CA LEU A 89 41.63 25.17 14.05
C LEU A 89 40.82 26.40 13.65
N PRO A 90 41.37 27.20 12.72
CA PRO A 90 40.70 28.41 12.22
C PRO A 90 39.22 28.19 11.92
N LYS A 91 38.44 29.27 11.95
CA LYS A 91 37.00 29.21 11.78
C LYS A 91 36.56 28.38 10.58
N GLU A 92 37.33 28.41 9.51
CA GLU A 92 36.97 27.72 8.28
C GLU A 92 37.29 26.23 8.34
N LEU A 93 38.28 25.87 9.13
CA LEU A 93 38.72 24.48 9.22
C LEU A 93 37.83 23.64 10.13
N LYS A 94 36.79 24.26 10.68
CA LYS A 94 35.85 23.55 11.55
C LYS A 94 34.70 22.98 10.73
N ARG A 95 34.38 23.64 9.61
CA ARG A 95 33.30 23.19 8.76
C ARG A 95 33.74 22.06 7.82
N TYR A 96 35.05 21.99 7.57
CA TYR A 96 35.60 20.90 6.78
C TYR A 96 35.73 19.64 7.64
N LEU A 97 35.90 19.85 8.94
CA LEU A 97 35.87 18.75 9.90
C LEU A 97 34.46 18.17 9.93
N HIS A 98 33.48 19.06 9.92
CA HIS A 98 32.08 18.67 9.87
C HIS A 98 31.83 17.83 8.61
N ILE A 99 32.40 18.26 7.50
CA ILE A 99 32.24 17.57 6.23
C ILE A 99 32.88 16.17 6.25
N ALA A 100 34.08 16.08 6.82
CA ALA A 100 34.81 14.82 6.85
C ALA A 100 34.15 13.78 7.75
N ARG A 101 33.57 14.22 8.85
CA ARG A 101 32.92 13.33 9.79
C ARG A 101 31.67 12.71 9.19
N GLU A 102 31.00 13.48 8.32
CA GLU A 102 29.83 13.01 7.61
C GLU A 102 30.23 12.07 6.48
N GLY A 103 31.21 12.50 5.69
CA GLY A 103 31.71 11.68 4.60
C GLY A 103 32.25 10.36 5.10
N GLU A 104 32.57 10.30 6.39
CA GLU A 104 33.09 9.09 6.99
C GLU A 104 31.97 8.32 7.71
N ALA A 105 30.93 9.04 8.10
CA ALA A 105 29.75 8.41 8.65
C ALA A 105 29.03 7.65 7.54
N ALA A 106 29.16 8.16 6.32
CA ALA A 106 28.57 7.52 5.15
C ALA A 106 29.29 6.23 4.81
N ARG A 107 30.63 6.28 4.78
CA ARG A 107 31.42 5.10 4.51
C ARG A 107 31.05 3.96 5.45
N GLN A 108 30.60 4.31 6.65
CA GLN A 108 30.22 3.31 7.64
C GLN A 108 28.84 2.72 7.36
N HIS A 109 27.85 3.60 7.17
CA HIS A 109 26.50 3.19 6.83
C HIS A 109 26.51 2.32 5.58
N LEU A 110 27.30 2.73 4.60
CA LEU A 110 27.39 2.04 3.32
C LEU A 110 27.91 0.62 3.51
N ILE A 111 28.90 0.46 4.38
CA ILE A 111 29.45 -0.86 4.67
C ILE A 111 28.45 -1.73 5.41
N GLU A 112 27.82 -1.15 6.43
CA GLU A 112 26.82 -1.87 7.22
C GLU A 112 25.66 -2.36 6.37
N ALA A 113 25.25 -1.53 5.41
CA ALA A 113 24.10 -1.85 4.57
C ALA A 113 24.39 -2.99 3.61
N ASN A 114 25.67 -3.24 3.35
CA ASN A 114 26.06 -4.31 2.45
C ASN A 114 26.73 -5.50 3.13
N LEU A 115 26.51 -5.64 4.43
CA LEU A 115 27.03 -6.79 5.15
C LEU A 115 26.22 -8.04 4.83
N ARG A 116 24.90 -7.90 4.88
CA ARG A 116 24.02 -9.02 4.55
C ARG A 116 24.13 -9.35 3.07
N LEU A 117 24.86 -8.51 2.34
CA LEU A 117 25.18 -8.81 0.94
C LEU A 117 26.38 -9.74 0.90
N VAL A 118 27.43 -9.39 1.63
CA VAL A 118 28.63 -10.22 1.69
C VAL A 118 28.32 -11.61 2.25
N VAL A 119 27.28 -11.70 3.07
CA VAL A 119 26.89 -12.96 3.69
C VAL A 119 26.18 -13.89 2.71
N SER A 120 25.48 -13.31 1.73
CA SER A 120 24.76 -14.10 0.75
C SER A 120 25.64 -14.52 -0.43
N ILE A 121 26.73 -13.77 -0.66
CA ILE A 121 27.71 -14.15 -1.67
C ILE A 121 28.62 -15.24 -1.11
N ALA A 122 29.04 -15.06 0.15
CA ALA A 122 29.85 -16.06 0.82
C ALA A 122 29.12 -17.39 0.89
N LYS A 123 27.83 -17.34 1.22
CA LYS A 123 26.98 -18.54 1.26
C LYS A 123 26.98 -19.31 -0.06
N LYS A 124 27.27 -18.63 -1.17
CA LYS A 124 27.37 -19.30 -2.46
C LYS A 124 28.76 -19.89 -2.70
N TYR A 125 29.41 -20.30 -1.62
CA TYR A 125 30.71 -20.96 -1.70
C TYR A 125 30.81 -22.02 -0.59
N THR A 126 29.68 -22.33 0.01
CA THR A 126 29.62 -23.30 1.12
C THR A 126 29.88 -24.72 0.65
N GLY A 127 30.63 -25.47 1.45
CA GLY A 127 30.95 -26.85 1.13
C GLY A 127 32.15 -26.98 0.21
N ARG A 128 32.73 -25.85 -0.17
CA ARG A 128 33.85 -25.83 -1.12
C ARG A 128 35.21 -25.73 -0.42
N GLY A 129 36.10 -24.94 -1.02
CA GLY A 129 37.44 -24.78 -0.49
C GLY A 129 37.50 -24.24 0.93
N LEU A 130 36.79 -23.15 1.18
CA LEU A 130 36.80 -22.50 2.49
C LEU A 130 35.42 -22.48 3.14
N SER A 131 35.37 -22.17 4.43
CA SER A 131 34.11 -22.21 5.19
C SER A 131 33.48 -20.85 5.47
N PHE A 132 32.23 -20.88 5.94
CA PHE A 132 31.39 -19.70 6.10
C PHE A 132 32.09 -18.52 6.76
N LEU A 133 32.34 -18.64 8.06
CA LEU A 133 32.97 -17.57 8.84
C LEU A 133 34.29 -17.14 8.21
N ASP A 134 34.87 -18.01 7.39
CA ASP A 134 36.15 -17.71 6.74
C ASP A 134 35.96 -16.78 5.54
N LEU A 135 35.06 -17.16 4.64
CA LEU A 135 34.80 -16.40 3.43
C LEU A 135 34.41 -14.96 3.74
N ILE A 136 33.61 -14.79 4.79
CA ILE A 136 33.14 -13.48 5.20
C ILE A 136 34.30 -12.53 5.53
N GLN A 137 35.35 -13.06 6.15
CA GLN A 137 36.53 -12.26 6.46
C GLN A 137 37.23 -11.78 5.19
N GLU A 138 36.81 -12.32 4.05
CA GLU A 138 37.38 -11.92 2.77
C GLU A 138 36.43 -11.02 2.00
N GLY A 139 35.17 -11.42 1.93
CA GLY A 139 34.14 -10.62 1.29
C GLY A 139 34.05 -9.25 1.92
N ASN A 140 33.94 -9.20 3.25
CA ASN A 140 33.91 -7.94 3.95
C ASN A 140 35.12 -7.08 3.65
N GLN A 141 36.22 -7.73 3.29
CA GLN A 141 37.44 -7.01 2.93
C GLN A 141 37.35 -6.40 1.55
N GLY A 142 36.65 -7.07 0.64
CA GLY A 142 36.39 -6.54 -0.68
C GLY A 142 35.40 -5.39 -0.58
N LEU A 143 34.42 -5.53 0.31
CA LEU A 143 33.42 -4.49 0.54
C LEU A 143 34.09 -3.17 0.89
N ILE A 144 35.25 -3.23 1.54
CA ILE A 144 35.99 -2.03 1.90
C ILE A 144 36.76 -1.47 0.70
N ARG A 145 37.18 -2.36 -0.18
CA ARG A 145 37.92 -1.95 -1.37
C ARG A 145 37.01 -1.18 -2.33
N ALA A 146 35.77 -1.64 -2.43
CA ALA A 146 34.79 -0.99 -3.31
C ALA A 146 34.38 0.38 -2.77
N VAL A 147 34.03 0.42 -1.49
CA VAL A 147 33.62 1.67 -0.85
C VAL A 147 34.75 2.70 -0.88
N GLU A 148 35.96 2.24 -1.17
CA GLU A 148 37.12 3.12 -1.27
C GLU A 148 37.37 3.58 -2.70
N LYS A 149 37.24 2.66 -3.64
CA LYS A 149 37.52 2.97 -5.04
C LYS A 149 36.31 3.54 -5.77
N PHE A 150 35.13 3.45 -5.15
CA PHE A 150 33.89 3.84 -5.82
C PHE A 150 33.91 5.27 -6.35
N GLU A 151 33.10 5.52 -7.37
CA GLU A 151 33.18 6.75 -8.15
C GLU A 151 31.89 6.99 -8.92
N TYR A 152 30.90 7.59 -8.25
CA TYR A 152 29.57 7.77 -8.84
C TYR A 152 29.63 8.51 -10.18
N LYS A 153 30.56 9.45 -10.29
CA LYS A 153 30.70 10.27 -11.48
C LYS A 153 31.07 9.43 -12.71
N ARG A 154 31.48 8.19 -12.46
CA ARG A 154 31.87 7.27 -13.53
C ARG A 154 30.66 6.62 -14.19
N GLY A 155 29.61 6.36 -13.41
CA GLY A 155 28.37 5.85 -13.95
C GLY A 155 27.93 4.51 -13.40
N PHE A 156 28.83 3.80 -12.72
CA PHE A 156 28.53 2.47 -12.21
C PHE A 156 27.61 2.53 -11.00
N ALA A 157 26.84 1.46 -10.80
CA ALA A 157 26.01 1.33 -9.61
C ALA A 157 26.84 0.67 -8.51
N PHE A 158 26.53 1.00 -7.26
CA PHE A 158 27.35 0.50 -6.15
C PHE A 158 27.08 -0.95 -5.78
N SER A 159 25.82 -1.36 -5.82
CA SER A 159 25.46 -2.74 -5.53
C SER A 159 26.30 -3.68 -6.38
N THR A 160 26.54 -3.26 -7.63
CA THR A 160 27.33 -4.03 -8.59
C THR A 160 28.82 -3.86 -8.33
N TYR A 161 29.26 -2.61 -8.21
CA TYR A 161 30.67 -2.30 -7.98
C TYR A 161 31.16 -2.95 -6.70
N ALA A 162 30.23 -3.31 -5.83
CA ALA A 162 30.56 -4.01 -4.59
C ALA A 162 30.74 -5.50 -4.86
N THR A 163 29.74 -6.08 -5.53
CA THR A 163 29.77 -7.51 -5.85
C THR A 163 31.00 -7.87 -6.68
N TRP A 164 31.50 -6.91 -7.45
CA TRP A 164 32.60 -7.15 -8.37
C TRP A 164 33.95 -7.01 -7.67
N TRP A 165 33.93 -6.98 -6.35
CA TRP A 165 35.14 -6.89 -5.54
C TRP A 165 35.02 -7.78 -4.31
N ILE A 166 33.78 -8.02 -3.89
CA ILE A 166 33.49 -8.98 -2.84
C ILE A 166 33.81 -10.38 -3.34
N ARG A 167 33.23 -10.72 -4.50
CA ARG A 167 33.48 -12.01 -5.13
C ARG A 167 34.93 -12.14 -5.53
N GLN A 168 35.53 -11.03 -5.96
CA GLN A 168 36.90 -11.03 -6.42
C GLN A 168 37.88 -11.23 -5.26
N ALA A 169 37.51 -10.76 -4.08
CA ALA A 169 38.34 -10.94 -2.89
C ALA A 169 38.24 -12.36 -2.37
N ILE A 170 37.17 -13.06 -2.73
CA ILE A 170 36.97 -14.44 -2.34
C ILE A 170 37.66 -15.39 -3.31
N ASN A 171 37.65 -15.05 -4.59
CA ASN A 171 38.28 -15.88 -5.61
C ASN A 171 39.77 -15.64 -5.71
N ARG A 172 40.28 -14.67 -4.96
CA ARG A 172 41.71 -14.44 -4.86
C ARG A 172 42.21 -14.96 -3.53
N ALA A 173 41.27 -15.40 -2.69
CA ALA A 173 41.61 -15.97 -1.40
C ALA A 173 41.38 -17.47 -1.41
N ILE A 174 40.52 -17.93 -2.33
CA ILE A 174 40.31 -19.35 -2.53
C ILE A 174 41.63 -20.01 -2.95
N ALA A 175 42.60 -19.20 -3.36
CA ALA A 175 43.92 -19.70 -3.70
C ALA A 175 44.65 -20.16 -2.45
N ASP A 176 43.99 -20.00 -1.30
CA ASP A 176 44.49 -20.50 -0.02
C ASP A 176 45.79 -19.84 0.43
N GLN A 177 46.25 -20.21 1.63
CA GLN A 177 47.52 -19.75 2.20
C GLN A 177 47.34 -18.75 3.34
N ALA B 1 13.17 -4.10 11.41
CA ALA B 1 11.99 -3.75 10.63
C ALA B 1 11.61 -2.29 10.84
N LEU B 2 11.88 -1.45 9.85
CA LEU B 2 11.54 -0.03 9.95
C LEU B 2 10.03 0.14 9.97
N GLN B 3 9.52 0.75 11.04
CA GLN B 3 8.07 0.84 11.23
C GLN B 3 7.55 2.26 11.03
N LEU B 4 6.51 2.40 10.23
CA LEU B 4 5.88 3.69 10.00
C LEU B 4 4.56 3.77 10.73
N THR B 5 4.51 4.64 11.73
CA THR B 5 3.35 4.73 12.60
C THR B 5 2.56 5.99 12.29
N GLN B 6 1.31 5.80 11.87
CA GLN B 6 0.49 6.89 11.40
C GLN B 6 -0.59 7.23 12.41
N SER B 7 -0.79 8.52 12.68
CA SER B 7 -1.79 8.94 13.66
C SER B 7 -2.40 10.29 13.31
N PRO B 8 -3.71 10.44 13.52
CA PRO B 8 -4.62 9.41 14.05
C PRO B 8 -4.88 8.32 13.03
N SER B 9 -5.47 7.22 13.48
CA SER B 9 -5.84 6.15 12.56
C SER B 9 -7.10 6.57 11.82
N SER B 10 -7.84 7.50 12.42
CA SER B 10 -9.07 8.03 11.82
C SER B 10 -9.49 9.30 12.53
N LEU B 11 -10.32 10.10 11.86
CA LEU B 11 -10.77 11.36 12.43
C LEU B 11 -11.91 11.98 11.63
N SER B 12 -12.65 12.89 12.27
CA SER B 12 -13.77 13.58 11.64
C SER B 12 -13.56 15.08 11.69
N ALA B 13 -14.05 15.77 10.67
CA ALA B 13 -13.95 17.22 10.61
C ALA B 13 -14.99 17.71 9.61
N SER B 14 -15.24 19.02 9.59
CA SER B 14 -16.22 19.57 8.66
C SER B 14 -15.51 20.38 7.59
N VAL B 15 -16.14 20.49 6.42
CA VAL B 15 -15.59 21.28 5.32
C VAL B 15 -15.06 22.61 5.85
N GLY B 16 -13.85 22.97 5.44
CA GLY B 16 -13.27 24.23 5.87
C GLY B 16 -12.37 24.12 7.09
N ASP B 17 -12.28 22.91 7.64
CA ASP B 17 -11.39 22.66 8.77
C ASP B 17 -9.94 22.53 8.32
N ARG B 18 -9.03 22.60 9.29
CA ARG B 18 -7.61 22.40 9.03
C ARG B 18 -7.11 21.25 9.89
N ILE B 19 -6.58 20.22 9.24
CA ILE B 19 -6.14 19.02 9.95
C ILE B 19 -4.68 18.65 9.68
N THR B 20 -4.11 17.89 10.62
CA THR B 20 -2.72 17.45 10.53
C THR B 20 -2.56 15.95 10.84
N ILE B 21 -2.19 15.18 9.82
CA ILE B 21 -1.86 13.78 10.01
C ILE B 21 -0.36 13.66 10.27
N THR B 22 0.03 12.70 11.10
CA THR B 22 1.43 12.52 11.44
C THR B 22 1.94 11.16 10.99
N CYS B 23 3.25 11.09 10.72
CA CYS B 23 3.89 9.84 10.31
C CYS B 23 5.24 9.75 11.01
N ARG B 24 5.34 8.87 11.99
CA ARG B 24 6.59 8.65 12.71
C ARG B 24 7.32 7.45 12.18
N ALA B 25 8.63 7.59 11.99
CA ALA B 25 9.44 6.51 11.46
C ALA B 25 10.36 5.90 12.52
N SER B 26 10.34 4.57 12.61
CA SER B 26 11.19 3.83 13.53
C SER B 26 12.66 4.22 13.42
N GLN B 27 13.07 4.68 12.23
CA GLN B 27 14.43 5.14 12.01
C GLN B 27 14.47 6.29 11.00
N GLY B 28 15.57 7.04 11.01
CA GLY B 28 15.71 8.18 10.13
C GLY B 28 15.63 7.83 8.66
N VAL B 29 14.69 8.44 7.97
CA VAL B 29 14.52 8.25 6.53
C VAL B 29 14.72 9.58 5.81
N THR B 30 15.44 10.48 6.47
CA THR B 30 15.73 11.81 5.95
C THR B 30 14.49 12.50 5.37
N SER B 31 14.55 12.83 4.08
CA SER B 31 13.45 13.51 3.40
C SER B 31 12.64 12.57 2.50
N ALA B 32 13.05 11.31 2.42
CA ALA B 32 12.42 10.36 1.50
C ALA B 32 11.11 9.81 2.05
N LEU B 33 10.11 10.67 2.10
CA LEU B 33 8.79 10.32 2.62
C LEU B 33 7.77 10.86 1.64
N ALA B 34 6.80 10.04 1.26
CA ALA B 34 5.75 10.50 0.37
C ALA B 34 4.37 10.33 0.99
N TRP B 35 3.44 11.18 0.58
CA TRP B 35 2.08 11.14 1.09
C TRP B 35 1.11 10.90 -0.06
N TYR B 36 0.24 9.90 0.07
CA TYR B 36 -0.76 9.57 -0.94
C TYR B 36 -2.19 9.71 -0.43
N ARG B 37 -3.14 9.81 -1.35
CA ARG B 37 -4.56 9.83 -1.01
C ARG B 37 -5.28 8.72 -1.79
N GLN B 38 -5.98 7.86 -1.08
CA GLN B 38 -6.77 6.81 -1.74
C GLN B 38 -8.26 6.96 -1.46
N LYS B 39 -9.02 7.23 -2.51
CA LYS B 39 -10.48 7.25 -2.44
C LYS B 39 -11.00 5.84 -2.69
N PRO B 40 -12.09 5.46 -1.99
CA PRO B 40 -12.69 4.12 -2.06
C PRO B 40 -12.78 3.58 -3.48
N GLY B 41 -12.23 2.39 -3.70
CA GLY B 41 -12.24 1.78 -5.02
C GLY B 41 -11.35 2.47 -6.04
N SER B 42 -10.26 3.09 -5.56
CA SER B 42 -9.35 3.80 -6.45
C SER B 42 -7.90 3.58 -6.05
N PRO B 43 -6.97 3.76 -7.01
CA PRO B 43 -5.54 3.67 -6.69
C PRO B 43 -5.16 4.87 -5.83
N PRO B 44 -4.11 4.73 -5.02
CA PRO B 44 -3.56 5.90 -4.31
C PRO B 44 -3.16 6.98 -5.31
N GLN B 45 -3.15 8.24 -4.87
CA GLN B 45 -2.69 9.35 -5.71
C GLN B 45 -1.67 10.16 -4.94
N LEU B 46 -0.53 10.43 -5.56
CA LEU B 46 0.54 11.17 -4.90
C LEU B 46 0.09 12.58 -4.55
N LEU B 47 0.45 13.04 -3.34
CA LEU B 47 0.19 14.42 -2.93
C LEU B 47 1.50 15.17 -2.66
N ILE B 48 2.34 14.59 -1.82
CA ILE B 48 3.61 15.20 -1.45
C ILE B 48 4.75 14.24 -1.78
N TYR B 49 5.82 14.75 -2.37
CA TYR B 49 7.02 13.94 -2.56
C TYR B 49 8.22 14.57 -1.88
N ASP B 50 9.22 13.75 -1.59
CA ASP B 50 10.42 14.24 -0.92
C ASP B 50 10.02 15.00 0.35
N ALA B 51 8.97 14.52 1.01
CA ALA B 51 8.53 15.02 2.31
C ALA B 51 7.79 16.36 2.30
N SER B 52 8.22 17.30 1.46
CA SER B 52 7.61 18.64 1.50
C SER B 52 7.28 19.28 0.15
N SER B 53 7.43 18.54 -0.94
CA SER B 53 7.16 19.10 -2.28
C SER B 53 5.79 18.71 -2.78
N LEU B 54 4.98 19.71 -3.08
CA LEU B 54 3.65 19.46 -3.63
C LEU B 54 3.78 18.85 -5.01
N GLU B 55 3.23 17.65 -5.19
CA GLU B 55 3.17 17.05 -6.51
C GLU B 55 2.41 17.96 -7.46
N SER B 56 3.03 18.24 -8.61
CA SER B 56 2.42 19.07 -9.63
C SER B 56 1.01 18.60 -9.98
N GLY B 57 0.09 19.55 -10.13
CA GLY B 57 -1.29 19.22 -10.49
C GLY B 57 -2.11 18.79 -9.29
N VAL B 58 -1.52 18.91 -8.10
CA VAL B 58 -2.24 18.61 -6.87
C VAL B 58 -2.64 19.91 -6.17
N PRO B 59 -3.88 19.96 -5.66
CA PRO B 59 -4.41 21.14 -4.97
C PRO B 59 -3.44 21.71 -3.94
N SER B 60 -3.39 23.04 -3.86
CA SER B 60 -2.45 23.74 -2.99
C SER B 60 -2.91 23.84 -1.55
N ARG B 61 -4.01 23.16 -1.21
CA ARG B 61 -4.46 23.08 0.17
C ARG B 61 -3.58 22.09 0.92
N PHE B 62 -2.89 21.26 0.16
CA PHE B 62 -2.06 20.20 0.72
C PHE B 62 -0.63 20.67 0.94
N SER B 63 -0.04 20.26 2.05
CA SER B 63 1.35 20.56 2.31
C SER B 63 1.92 19.51 3.23
N GLY B 64 3.24 19.32 3.15
CA GLY B 64 3.91 18.36 3.99
C GLY B 64 5.13 18.95 4.65
N SER B 65 5.55 18.36 5.75
CA SER B 65 6.65 18.90 6.54
C SER B 65 7.33 17.79 7.31
N GLY B 66 8.59 18.01 7.65
CA GLY B 66 9.29 17.08 8.51
C GLY B 66 10.59 16.60 7.92
N SER B 67 11.35 15.86 8.73
CA SER B 67 12.60 15.28 8.29
C SER B 67 13.10 14.26 9.30
N GLY B 68 13.74 13.22 8.80
CA GLY B 68 14.30 12.18 9.64
C GLY B 68 13.28 11.21 10.21
N THR B 69 12.61 11.62 11.28
CA THR B 69 11.81 10.70 12.09
C THR B 69 10.34 11.11 12.22
N GLU B 70 10.08 12.41 12.13
CA GLU B 70 8.74 12.92 12.30
C GLU B 70 8.27 13.68 11.07
N PHE B 71 7.09 13.31 10.56
CA PHE B 71 6.54 13.98 9.39
C PHE B 71 5.07 14.29 9.61
N THR B 72 4.58 15.33 8.93
CA THR B 72 3.16 15.67 9.00
C THR B 72 2.59 16.10 7.64
N LEU B 73 1.32 15.80 7.43
CA LEU B 73 0.57 16.30 6.29
C LEU B 73 -0.49 17.28 6.81
N THR B 74 -0.83 18.26 5.99
CA THR B 74 -1.74 19.31 6.41
C THR B 74 -2.65 19.77 5.29
N ILE B 75 -3.95 19.68 5.52
CA ILE B 75 -4.93 20.20 4.57
C ILE B 75 -5.46 21.52 5.08
N SER B 76 -5.10 22.61 4.40
CA SER B 76 -5.53 23.95 4.78
C SER B 76 -7.04 23.99 5.01
N THR B 77 -7.81 23.95 3.93
CA THR B 77 -9.26 23.94 4.02
C THR B 77 -9.83 22.64 3.51
N LEU B 78 -10.29 21.81 4.44
CA LEU B 78 -10.93 20.55 4.08
C LEU B 78 -12.08 20.83 3.09
N ARG B 79 -12.19 19.97 2.08
CA ARG B 79 -13.22 20.13 1.06
C ARG B 79 -14.02 18.83 0.96
N PRO B 80 -15.10 18.84 0.16
CA PRO B 80 -15.95 17.65 0.04
C PRO B 80 -15.19 16.40 -0.42
N GLU B 81 -14.22 16.59 -1.31
CA GLU B 81 -13.52 15.46 -1.92
C GLU B 81 -12.28 15.03 -1.14
N ASP B 82 -12.07 15.63 0.04
CA ASP B 82 -10.88 15.36 0.85
C ASP B 82 -11.12 14.24 1.86
N PHE B 83 -12.27 13.60 1.77
CA PHE B 83 -12.59 12.52 2.70
C PHE B 83 -12.21 11.16 2.10
N ALA B 84 -11.15 10.58 2.65
CA ALA B 84 -10.54 9.37 2.11
C ALA B 84 -9.50 8.85 3.09
N THR B 85 -8.79 7.80 2.71
CA THR B 85 -7.69 7.31 3.53
C THR B 85 -6.36 7.84 2.99
N TYR B 86 -5.53 8.36 3.89
CA TYR B 86 -4.22 8.90 3.53
C TYR B 86 -3.13 7.96 4.02
N TYR B 87 -2.13 7.74 3.17
CA TYR B 87 -1.03 6.85 3.48
C TYR B 87 0.30 7.58 3.31
N CYS B 88 1.28 7.22 4.11
CA CYS B 88 2.64 7.71 3.92
C CYS B 88 3.53 6.58 3.44
N GLN B 89 4.69 6.90 2.89
CA GLN B 89 5.62 5.88 2.44
C GLN B 89 7.05 6.39 2.51
N GLN B 90 7.94 5.54 3.00
CA GLN B 90 9.35 5.89 3.06
C GLN B 90 10.09 5.11 1.99
N LEU B 91 10.97 5.80 1.27
CA LEU B 91 11.77 5.17 0.23
C LEU B 91 13.26 5.35 0.50
N HIS B 92 13.62 5.41 1.78
CA HIS B 92 15.02 5.55 2.15
C HIS B 92 15.67 4.17 2.25
N PHE B 93 14.92 3.24 2.83
CA PHE B 93 15.39 1.88 3.00
C PHE B 93 14.52 0.91 2.22
N TYR B 94 15.12 -0.15 1.71
CA TYR B 94 14.37 -1.32 1.27
C TYR B 94 14.03 -2.18 2.50
N PRO B 95 12.81 -2.72 2.54
CA PRO B 95 11.74 -2.46 1.57
C PRO B 95 11.08 -1.10 1.84
N HIS B 96 10.63 -0.44 0.79
CA HIS B 96 9.86 0.79 0.94
C HIS B 96 8.57 0.47 1.69
N THR B 97 8.47 0.92 2.94
CA THR B 97 7.32 0.60 3.77
C THR B 97 6.22 1.66 3.68
N PHE B 98 4.97 1.20 3.78
CA PHE B 98 3.80 2.08 3.82
C PHE B 98 3.27 2.20 5.25
N GLY B 99 2.78 3.39 5.60
CA GLY B 99 2.11 3.59 6.87
C GLY B 99 0.80 2.82 6.93
N GLY B 100 0.22 2.74 8.11
CA GLY B 100 -0.98 1.95 8.34
C GLY B 100 -2.26 2.57 7.82
N GLY B 101 -2.21 3.88 7.56
CA GLY B 101 -3.37 4.57 7.02
C GLY B 101 -4.08 5.48 8.02
N THR B 102 -4.76 6.49 7.49
CA THR B 102 -5.53 7.43 8.30
C THR B 102 -6.83 7.75 7.59
N ARG B 103 -7.95 7.33 8.16
CA ARG B 103 -9.24 7.62 7.54
C ARG B 103 -9.79 8.96 7.99
N VAL B 104 -10.39 9.69 7.07
CA VAL B 104 -10.91 11.01 7.35
C VAL B 104 -12.39 11.08 6.99
N ASP B 105 -13.21 11.41 7.98
CA ASP B 105 -14.66 11.47 7.81
C ASP B 105 -15.15 12.89 7.97
N VAL B 106 -16.38 13.15 7.54
CA VAL B 106 -16.99 14.46 7.70
C VAL B 106 -17.90 14.48 8.93
N ARG B 107 -18.07 15.67 9.52
CA ARG B 107 -19.03 15.83 10.61
C ARG B 107 -20.39 16.25 10.06
N ARG B 108 -21.44 15.89 10.78
CA ARG B 108 -22.81 16.26 10.40
C ARG B 108 -23.77 15.93 11.53
N THR B 109 -24.96 16.52 11.48
CA THR B 109 -25.94 16.33 12.54
C THR B 109 -26.65 14.99 12.38
N VAL B 110 -26.79 14.27 13.50
CA VAL B 110 -27.37 12.93 13.49
C VAL B 110 -28.53 12.82 12.51
N ALA B 111 -28.41 11.91 11.54
CA ALA B 111 -29.46 11.70 10.56
C ALA B 111 -30.29 10.46 10.90
N ALA B 112 -31.54 10.47 10.47
CA ALA B 112 -32.46 9.37 10.76
C ALA B 112 -32.49 8.34 9.64
N PRO B 113 -32.34 7.07 10.00
CA PRO B 113 -32.33 5.93 9.08
C PRO B 113 -33.68 5.74 8.39
N SER B 114 -33.74 6.04 7.09
CA SER B 114 -34.96 5.80 6.32
C SER B 114 -35.08 4.31 6.00
N VAL B 115 -35.90 3.61 6.77
CA VAL B 115 -35.96 2.14 6.70
C VAL B 115 -36.99 1.63 5.69
N PHE B 116 -36.54 0.75 4.80
CA PHE B 116 -37.41 0.07 3.86
C PHE B 116 -37.25 -1.44 4.05
N ILE B 117 -37.92 -2.23 3.24
CA ILE B 117 -37.81 -3.68 3.34
C ILE B 117 -38.33 -4.40 2.10
N PHE B 118 -37.61 -5.43 1.68
CA PHE B 118 -37.94 -6.16 0.46
C PHE B 118 -38.06 -7.67 0.71
N PRO B 119 -39.24 -8.23 0.47
CA PRO B 119 -39.43 -9.68 0.51
C PRO B 119 -38.74 -10.32 -0.69
N PRO B 120 -38.37 -11.60 -0.59
CA PRO B 120 -37.73 -12.35 -1.67
C PRO B 120 -38.51 -12.31 -2.97
N SER B 121 -37.81 -12.36 -4.10
CA SER B 121 -38.44 -12.37 -5.40
C SER B 121 -39.10 -13.72 -5.64
N ASP B 122 -40.18 -13.72 -6.40
CA ASP B 122 -40.81 -14.98 -6.80
C ASP B 122 -39.82 -15.70 -7.71
N GLU B 123 -39.03 -14.93 -8.42
CA GLU B 123 -37.97 -15.47 -9.27
C GLU B 123 -36.91 -16.17 -8.43
N GLN B 124 -36.62 -15.62 -7.26
CA GLN B 124 -35.66 -16.24 -6.35
C GLN B 124 -36.29 -17.44 -5.66
N LEU B 125 -37.50 -17.26 -5.16
CA LEU B 125 -38.19 -18.34 -4.45
C LEU B 125 -38.20 -19.61 -5.28
N LYS B 126 -38.49 -19.47 -6.57
CA LYS B 126 -38.55 -20.61 -7.48
C LYS B 126 -37.19 -21.28 -7.73
N SER B 127 -36.13 -20.77 -7.10
CA SER B 127 -34.82 -21.37 -7.24
C SER B 127 -34.41 -22.13 -5.98
N GLY B 128 -35.22 -22.01 -4.94
CA GLY B 128 -35.02 -22.79 -3.72
C GLY B 128 -34.51 -21.99 -2.54
N THR B 129 -34.30 -20.69 -2.74
CA THR B 129 -33.78 -19.83 -1.68
C THR B 129 -34.57 -18.54 -1.59
N ALA B 130 -34.46 -17.87 -0.44
CA ALA B 130 -35.11 -16.58 -0.23
C ALA B 130 -34.17 -15.57 0.41
N SER B 131 -34.26 -14.32 -0.01
CA SER B 131 -33.48 -13.25 0.58
C SER B 131 -34.34 -12.04 0.93
N VAL B 132 -34.59 -11.86 2.23
CA VAL B 132 -35.28 -10.68 2.73
C VAL B 132 -34.22 -9.62 3.00
N VAL B 133 -34.44 -8.42 2.47
CA VAL B 133 -33.44 -7.35 2.58
C VAL B 133 -33.99 -6.14 3.32
N CYS B 134 -33.19 -5.59 4.22
CA CYS B 134 -33.62 -4.45 5.02
C CYS B 134 -32.67 -3.27 4.85
N LEU B 135 -33.13 -2.25 4.14
CA LEU B 135 -32.30 -1.10 3.79
C LEU B 135 -32.42 0.05 4.80
N LEU B 136 -31.28 0.55 5.25
CA LEU B 136 -31.22 1.71 6.14
C LEU B 136 -30.53 2.86 5.42
N ASN B 137 -31.32 3.68 4.71
CA ASN B 137 -30.75 4.71 3.86
C ASN B 137 -30.48 6.02 4.58
N ASN B 138 -29.24 6.51 4.47
CA ASN B 138 -28.85 7.82 4.97
C ASN B 138 -29.06 8.02 6.47
N PHE B 139 -28.00 7.77 7.24
CA PHE B 139 -28.01 8.04 8.67
C PHE B 139 -26.64 8.50 9.15
N TYR B 140 -26.48 8.69 10.45
CA TYR B 140 -25.21 9.15 11.01
C TYR B 140 -25.23 9.17 12.54
N PRO B 141 -24.15 8.69 13.17
CA PRO B 141 -22.94 8.11 12.56
C PRO B 141 -23.17 6.70 12.05
N ARG B 142 -22.08 5.99 11.74
CA ARG B 142 -22.19 4.61 11.28
C ARG B 142 -22.94 3.77 12.30
N GLU B 143 -22.77 4.11 13.57
CA GLU B 143 -23.39 3.36 14.66
C GLU B 143 -24.88 3.10 14.42
N ALA B 144 -25.23 1.83 14.27
CA ALA B 144 -26.61 1.40 14.08
C ALA B 144 -26.67 -0.12 14.06
N LYS B 145 -27.72 -0.70 14.64
CA LYS B 145 -27.87 -2.14 14.60
C LYS B 145 -29.22 -2.60 14.07
N VAL B 146 -29.18 -3.52 13.12
CA VAL B 146 -30.37 -4.13 12.57
C VAL B 146 -30.63 -5.45 13.28
N GLN B 147 -31.88 -5.68 13.67
CA GLN B 147 -32.26 -6.93 14.30
C GLN B 147 -33.36 -7.60 13.51
N TRP B 148 -33.18 -8.87 13.18
CA TRP B 148 -34.16 -9.61 12.41
C TRP B 148 -35.06 -10.45 13.30
N LYS B 149 -36.36 -10.19 13.24
CA LYS B 149 -37.33 -11.02 13.92
C LYS B 149 -38.19 -11.73 12.87
N VAL B 150 -38.43 -13.01 13.09
CA VAL B 150 -39.29 -13.80 12.22
C VAL B 150 -40.34 -14.47 13.08
N ASP B 151 -41.57 -13.97 13.01
CA ASP B 151 -42.63 -14.37 13.93
C ASP B 151 -42.14 -14.13 15.36
N ASN B 152 -41.66 -12.91 15.60
CA ASN B 152 -41.19 -12.51 16.93
C ASN B 152 -39.92 -13.23 17.39
N ALA B 153 -39.53 -14.27 16.64
CA ALA B 153 -38.32 -15.02 16.97
C ALA B 153 -37.07 -14.33 16.43
N LEU B 154 -36.22 -13.86 17.34
CA LEU B 154 -35.00 -13.17 16.95
C LEU B 154 -34.06 -14.11 16.19
N GLN B 155 -33.36 -13.56 15.20
CA GLN B 155 -32.51 -14.35 14.32
C GLN B 155 -31.05 -13.93 14.43
N SER B 156 -30.17 -14.92 14.58
CA SER B 156 -28.74 -14.66 14.67
C SER B 156 -27.94 -15.64 13.82
N GLY B 157 -26.99 -15.11 13.06
CA GLY B 157 -26.08 -15.94 12.28
C GLY B 157 -26.62 -16.35 10.93
N ASN B 158 -27.72 -15.73 10.52
CA ASN B 158 -28.32 -16.02 9.21
C ASN B 158 -28.57 -14.75 8.41
N SER B 159 -27.94 -13.66 8.84
CA SER B 159 -28.05 -12.39 8.14
C SER B 159 -26.66 -11.79 7.93
N GLN B 160 -26.55 -10.87 6.98
CA GLN B 160 -25.28 -10.20 6.69
C GLN B 160 -25.53 -8.77 6.26
N GLU B 161 -24.81 -7.83 6.85
CA GLU B 161 -24.98 -6.43 6.46
C GLU B 161 -23.73 -5.84 5.82
N SER B 162 -23.91 -4.70 5.17
CA SER B 162 -22.84 -4.05 4.45
C SER B 162 -23.11 -2.56 4.47
N VAL B 163 -22.07 -1.77 4.71
CA VAL B 163 -22.20 -0.33 4.82
C VAL B 163 -21.51 0.37 3.66
N THR B 164 -22.23 1.25 2.96
CA THR B 164 -21.63 2.08 1.93
C THR B 164 -20.72 3.12 2.55
N GLU B 165 -19.94 3.80 1.73
CA GLU B 165 -19.07 4.86 2.22
C GLU B 165 -19.87 6.13 2.43
N GLN B 166 -19.37 6.99 3.31
CA GLN B 166 -19.98 8.29 3.54
C GLN B 166 -19.98 9.09 2.23
N ASP B 167 -21.16 9.25 1.63
CA ASP B 167 -21.25 9.92 0.33
C ASP B 167 -20.86 11.39 0.42
N SER B 168 -20.13 11.87 -0.59
CA SER B 168 -19.74 13.27 -0.64
C SER B 168 -20.95 14.18 -0.84
N LYS B 169 -21.96 13.66 -1.55
CA LYS B 169 -23.18 14.41 -1.76
C LYS B 169 -23.93 14.59 -0.44
N ASP B 170 -24.59 13.54 0.02
CA ASP B 170 -25.20 13.52 1.35
C ASP B 170 -24.30 12.71 2.28
N SER B 171 -23.51 13.40 3.08
CA SER B 171 -22.43 12.77 3.85
C SER B 171 -22.90 11.83 4.96
N THR B 172 -23.76 10.89 4.61
CA THR B 172 -24.24 9.89 5.55
C THR B 172 -23.85 8.49 5.10
N TYR B 173 -24.18 7.51 5.93
CA TYR B 173 -23.90 6.13 5.63
C TYR B 173 -25.22 5.39 5.36
N SER B 174 -25.16 4.41 4.46
CA SER B 174 -26.32 3.56 4.20
C SER B 174 -25.96 2.12 4.49
N LEU B 175 -26.94 1.34 4.95
CA LEU B 175 -26.69 -0.04 5.33
C LEU B 175 -27.67 -1.01 4.69
N SER B 176 -27.18 -2.18 4.35
CA SER B 176 -28.01 -3.21 3.74
C SER B 176 -27.84 -4.52 4.48
N SER B 177 -28.88 -4.95 5.17
CA SER B 177 -28.86 -6.24 5.85
C SER B 177 -29.65 -7.24 5.04
N THR B 178 -29.15 -8.46 4.94
CA THR B 178 -29.80 -9.50 4.15
C THR B 178 -29.96 -10.79 4.95
N LEU B 179 -31.23 -11.16 5.19
CA LEU B 179 -31.57 -12.39 5.89
C LEU B 179 -31.85 -13.48 4.86
N THR B 180 -31.12 -14.59 4.94
CA THR B 180 -31.26 -15.67 3.98
C THR B 180 -31.86 -16.94 4.59
N LEU B 181 -32.84 -17.52 3.89
CA LEU B 181 -33.48 -18.76 4.32
C LEU B 181 -33.74 -19.64 3.11
N SER B 182 -34.03 -20.92 3.34
CA SER B 182 -34.43 -21.80 2.25
C SER B 182 -35.88 -21.50 1.89
N LYS B 183 -36.28 -21.82 0.66
CA LYS B 183 -37.66 -21.60 0.26
C LYS B 183 -38.59 -22.30 1.23
N ALA B 184 -38.24 -23.54 1.59
CA ALA B 184 -39.06 -24.33 2.49
C ALA B 184 -39.19 -23.69 3.86
N ASP B 185 -38.07 -23.25 4.43
CA ASP B 185 -38.07 -22.67 5.76
C ASP B 185 -38.78 -21.32 5.77
N TYR B 186 -38.81 -20.67 4.60
CA TYR B 186 -39.49 -19.39 4.45
C TYR B 186 -41.00 -19.63 4.35
N GLU B 187 -41.37 -20.78 3.81
CA GLU B 187 -42.78 -21.14 3.66
C GLU B 187 -43.36 -21.74 4.94
N LYS B 188 -42.92 -21.25 6.09
CA LYS B 188 -43.45 -21.73 7.37
C LYS B 188 -43.66 -20.56 8.33
N HIS B 189 -43.44 -19.34 7.84
CA HIS B 189 -43.60 -18.16 8.68
C HIS B 189 -44.41 -17.11 7.94
N LYS B 190 -44.71 -16.00 8.61
CA LYS B 190 -45.57 -14.99 8.02
C LYS B 190 -45.05 -13.58 8.28
N VAL B 191 -44.73 -13.29 9.53
CA VAL B 191 -44.29 -11.96 9.90
C VAL B 191 -42.78 -11.83 9.87
N TYR B 192 -42.28 -11.11 8.87
CA TYR B 192 -40.86 -10.85 8.73
C TYR B 192 -40.58 -9.38 9.01
N ALA B 193 -39.85 -9.12 10.09
CA ALA B 193 -39.66 -7.75 10.57
C ALA B 193 -38.20 -7.36 10.66
N CYS B 194 -37.95 -6.06 10.71
CA CYS B 194 -36.60 -5.52 10.82
C CYS B 194 -36.58 -4.41 11.87
N GLU B 195 -35.88 -4.65 12.97
CA GLU B 195 -35.83 -3.67 14.05
C GLU B 195 -34.52 -2.88 14.09
N VAL B 196 -34.55 -1.70 13.48
CA VAL B 196 -33.40 -0.81 13.46
C VAL B 196 -33.23 -0.08 14.79
N THR B 197 -32.00 0.23 15.15
CA THR B 197 -31.70 0.96 16.37
C THR B 197 -30.61 1.99 16.09
N HIS B 198 -30.92 3.26 16.31
CA HIS B 198 -29.99 4.34 15.97
C HIS B 198 -30.22 5.59 16.82
N GLN B 199 -29.17 6.40 16.95
CA GLN B 199 -29.23 7.62 17.74
C GLN B 199 -30.33 8.55 17.23
N GLY B 200 -30.42 8.68 15.91
CA GLY B 200 -31.42 9.52 15.29
C GLY B 200 -32.84 9.00 15.50
N LEU B 201 -33.01 8.13 16.49
CA LEU B 201 -34.32 7.60 16.82
C LEU B 201 -34.60 7.69 18.32
N SER B 202 -35.85 7.94 18.65
CA SER B 202 -36.27 7.97 20.05
C SER B 202 -36.76 6.59 20.46
N SER B 203 -36.79 5.68 19.50
CA SER B 203 -37.22 4.31 19.73
C SER B 203 -36.90 3.46 18.50
N PRO B 204 -36.65 2.16 18.70
CA PRO B 204 -36.38 1.23 17.60
C PRO B 204 -37.48 1.25 16.55
N VAL B 205 -37.09 1.37 15.28
CA VAL B 205 -38.05 1.38 14.18
C VAL B 205 -38.19 0.00 13.57
N THR B 206 -39.41 -0.42 13.28
CA THR B 206 -39.65 -1.75 12.74
C THR B 206 -40.42 -1.71 11.43
N LYS B 207 -39.71 -1.65 10.31
CA LYS B 207 -40.33 -1.70 9.00
C LYS B 207 -40.56 -3.16 8.61
N SER B 208 -41.66 -3.71 9.09
CA SER B 208 -41.98 -5.12 8.87
C SER B 208 -42.94 -5.33 7.71
N PHE B 209 -43.08 -6.58 7.29
CA PHE B 209 -44.09 -6.97 6.31
C PHE B 209 -44.69 -8.34 6.66
N ASN B 210 -45.85 -8.62 6.08
CA ASN B 210 -46.51 -9.90 6.31
C ASN B 210 -46.67 -10.64 4.99
N ARG B 211 -46.11 -11.84 4.91
CA ARG B 211 -45.99 -12.52 3.62
C ARG B 211 -47.31 -13.06 3.07
N GLY B 212 -48.41 -12.42 3.46
CA GLY B 212 -49.70 -12.71 2.87
C GLY B 212 -50.01 -11.67 1.80
N GLU B 213 -49.86 -10.40 2.17
CA GLU B 213 -50.13 -9.29 1.27
C GLU B 213 -48.86 -8.80 0.59
N CYS B 214 -47.71 -9.09 1.20
CA CYS B 214 -46.42 -8.64 0.67
C CYS B 214 -45.48 -9.80 0.40
N ARG C 1 -0.07 11.86 -19.15
CA ARG C 1 0.86 11.32 -20.13
C ARG C 1 1.27 9.88 -19.81
N ILE C 2 1.45 9.58 -18.52
CA ILE C 2 1.84 8.24 -18.09
C ILE C 2 0.63 7.38 -17.71
N THR C 3 0.57 6.17 -18.27
CA THR C 3 -0.52 5.24 -17.96
C THR C 3 0.02 3.84 -17.73
N LEU C 4 -0.42 3.22 -16.64
CA LEU C 4 -0.04 1.83 -16.35
C LEU C 4 -1.29 1.00 -16.18
N LYS C 5 -1.28 -0.20 -16.74
CA LYS C 5 -2.41 -1.12 -16.61
C LYS C 5 -1.92 -2.51 -16.28
N GLU C 6 -2.36 -3.04 -15.15
CA GLU C 6 -2.04 -4.39 -14.75
C GLU C 6 -2.99 -5.38 -15.43
N SER C 7 -2.52 -6.59 -15.67
CA SER C 7 -3.34 -7.63 -16.26
C SER C 7 -2.89 -8.99 -15.73
N GLY C 8 -3.80 -9.96 -15.76
CA GLY C 8 -3.54 -11.27 -15.22
C GLY C 8 -4.82 -11.99 -14.82
N PRO C 9 -4.69 -13.13 -14.11
CA PRO C 9 -5.82 -13.97 -13.72
C PRO C 9 -6.58 -13.40 -12.51
N PRO C 10 -7.92 -13.43 -12.56
CA PRO C 10 -8.75 -12.92 -11.46
C PRO C 10 -8.78 -13.95 -10.34
N LEU C 11 -8.38 -15.18 -10.67
CA LEU C 11 -8.45 -16.28 -9.73
C LEU C 11 -7.37 -17.30 -10.04
N VAL C 12 -6.58 -17.65 -9.03
CA VAL C 12 -5.56 -18.68 -9.14
C VAL C 12 -5.77 -19.67 -8.00
N LYS C 13 -5.45 -20.94 -8.24
CA LYS C 13 -5.61 -21.96 -7.21
C LYS C 13 -4.37 -22.03 -6.31
N PRO C 14 -4.59 -22.30 -5.01
CA PRO C 14 -3.49 -22.39 -4.04
C PRO C 14 -2.31 -23.22 -4.56
N THR C 15 -1.10 -22.89 -4.09
CA THR C 15 0.14 -23.59 -4.47
C THR C 15 0.54 -23.41 -5.93
N GLN C 16 -0.32 -22.76 -6.72
CA GLN C 16 0.01 -22.48 -8.11
C GLN C 16 0.80 -21.19 -8.24
N THR C 17 1.01 -20.75 -9.48
CA THR C 17 1.84 -19.58 -9.74
C THR C 17 1.04 -18.42 -10.35
N LEU C 18 1.12 -17.26 -9.71
CA LEU C 18 0.44 -16.07 -10.18
C LEU C 18 1.35 -15.17 -11.02
N THR C 19 0.94 -14.89 -12.25
CA THR C 19 1.74 -14.06 -13.16
C THR C 19 1.02 -12.76 -13.53
N LEU C 20 1.52 -11.65 -13.01
CA LEU C 20 0.93 -10.35 -13.31
C LEU C 20 1.79 -9.60 -14.31
N THR C 21 1.15 -8.77 -15.13
CA THR C 21 1.84 -7.99 -16.13
C THR C 21 1.47 -6.51 -16.03
N CYS C 22 2.47 -5.64 -16.08
CA CYS C 22 2.26 -4.20 -16.05
C CYS C 22 2.57 -3.60 -17.42
N SER C 23 1.53 -3.18 -18.14
CA SER C 23 1.70 -2.50 -19.41
C SER C 23 1.59 -0.99 -19.21
N PHE C 24 2.49 -0.24 -19.85
CA PHE C 24 2.52 1.19 -19.61
C PHE C 24 2.81 2.03 -20.85
N SER C 25 2.56 3.32 -20.74
CA SER C 25 2.90 4.27 -21.80
C SER C 25 3.16 5.62 -21.16
N GLY C 26 3.83 6.50 -21.91
CA GLY C 26 4.16 7.82 -21.40
C GLY C 26 5.59 7.89 -20.90
N PHE C 27 6.22 6.74 -20.78
CA PHE C 27 7.63 6.68 -20.40
C PHE C 27 8.23 5.39 -20.91
N SER C 28 9.55 5.28 -20.76
CA SER C 28 10.25 4.06 -21.14
C SER C 28 11.09 3.57 -19.96
N LEU C 29 11.32 2.27 -19.92
CA LEU C 29 12.21 1.70 -18.91
C LEU C 29 13.68 1.86 -19.30
N SER C 30 13.92 2.54 -20.41
CA SER C 30 15.29 2.87 -20.79
C SER C 30 15.63 4.27 -20.28
N ASP C 31 14.62 4.95 -19.73
CA ASP C 31 14.82 6.27 -19.13
C ASP C 31 15.76 6.18 -17.94
N PHE C 32 16.45 7.27 -17.63
CA PHE C 32 17.51 7.24 -16.62
C PHE C 32 17.01 6.99 -15.20
N GLY C 33 17.39 5.85 -14.64
CA GLY C 33 17.09 5.52 -13.26
C GLY C 33 15.63 5.23 -12.97
N VAL C 34 14.78 5.32 -13.98
CA VAL C 34 13.35 5.07 -13.80
C VAL C 34 13.11 3.68 -13.23
N GLY C 35 12.10 3.57 -12.37
CA GLY C 35 11.71 2.30 -11.78
C GLY C 35 10.23 2.00 -11.95
N VAL C 36 9.88 0.72 -11.87
CA VAL C 36 8.49 0.30 -11.88
C VAL C 36 8.29 -0.68 -10.73
N GLY C 37 7.35 -0.36 -9.84
CA GLY C 37 7.17 -1.14 -8.62
C GLY C 37 5.80 -1.78 -8.47
N TRP C 38 5.72 -2.76 -7.57
CA TRP C 38 4.48 -3.47 -7.32
C TRP C 38 4.03 -3.35 -5.88
N ILE C 39 2.77 -2.96 -5.70
CA ILE C 39 2.17 -2.83 -4.38
C ILE C 39 0.82 -3.56 -4.34
N ARG C 40 0.56 -4.27 -3.25
CA ARG C 40 -0.71 -4.98 -3.09
C ARG C 40 -1.53 -4.41 -1.95
N GLN C 41 -2.84 -4.57 -2.03
CA GLN C 41 -3.73 -4.18 -0.95
C GLN C 41 -4.73 -5.28 -0.64
N PRO C 42 -4.48 -6.02 0.46
CA PRO C 42 -5.41 -7.04 0.93
C PRO C 42 -6.76 -6.42 1.29
N PRO C 43 -7.84 -7.21 1.25
CA PRO C 43 -9.18 -6.69 1.53
C PRO C 43 -9.25 -6.04 2.90
N GLY C 44 -9.69 -4.79 2.95
CA GLY C 44 -9.87 -4.08 4.20
C GLY C 44 -8.60 -3.67 4.93
N LYS C 45 -7.45 -3.89 4.30
CA LYS C 45 -6.17 -3.59 4.95
C LYS C 45 -5.41 -2.48 4.23
N ALA C 46 -4.17 -2.23 4.66
CA ALA C 46 -3.37 -1.14 4.11
C ALA C 46 -2.33 -1.62 3.09
N LEU C 47 -1.90 -0.70 2.23
CA LEU C 47 -0.92 -0.98 1.18
C LEU C 47 0.29 -1.75 1.69
N GLU C 48 0.74 -2.72 0.90
CA GLU C 48 1.96 -3.46 1.19
C GLU C 48 2.86 -3.50 -0.04
N TRP C 49 4.14 -3.16 0.15
CA TRP C 49 5.10 -3.06 -0.94
C TRP C 49 5.68 -4.43 -1.30
N LEU C 50 5.83 -4.71 -2.60
CA LEU C 50 6.26 -6.04 -3.03
C LEU C 50 7.65 -6.09 -3.67
N ALA C 51 7.85 -5.33 -4.73
CA ALA C 51 9.11 -5.36 -5.47
C ALA C 51 9.28 -4.14 -6.37
N ILE C 52 10.50 -3.93 -6.85
CA ILE C 52 10.77 -2.86 -7.79
C ILE C 52 11.89 -3.25 -8.75
N ILE C 53 11.82 -2.76 -9.99
CA ILE C 53 12.85 -3.02 -10.97
C ILE C 53 13.23 -1.71 -11.66
N TYR C 54 14.52 -1.53 -11.96
CA TYR C 54 15.00 -0.29 -12.54
C TYR C 54 15.51 -0.44 -13.98
N SER C 55 15.73 0.70 -14.63
CA SER C 55 16.28 0.74 -15.98
C SER C 55 17.60 -0.01 -16.16
N ASP C 56 18.43 -0.05 -15.11
CA ASP C 56 19.71 -0.75 -15.18
C ASP C 56 19.58 -2.21 -14.77
N ASP C 57 18.33 -2.64 -14.61
CA ASP C 57 17.97 -4.01 -14.24
C ASP C 57 18.18 -4.35 -12.77
N ASP C 58 18.56 -3.37 -11.97
CA ASP C 58 18.60 -3.55 -10.53
C ASP C 58 17.19 -3.87 -10.05
N LYS C 59 17.07 -4.76 -9.08
CA LYS C 59 15.75 -5.15 -8.58
C LYS C 59 15.76 -5.53 -7.11
N ARG C 60 14.67 -5.26 -6.42
CA ARG C 60 14.55 -5.56 -5.00
C ARG C 60 13.18 -6.14 -4.66
N TYR C 61 13.16 -7.08 -3.72
CA TYR C 61 11.93 -7.72 -3.27
C TYR C 61 11.70 -7.50 -1.78
N SER C 62 10.43 -7.50 -1.38
CA SER C 62 10.08 -7.53 0.03
C SER C 62 10.67 -8.79 0.64
N PRO C 63 11.29 -8.66 1.84
CA PRO C 63 11.93 -9.76 2.56
C PRO C 63 10.96 -10.88 2.92
N SER C 64 9.79 -10.51 3.42
CA SER C 64 8.80 -11.49 3.87
C SER C 64 8.34 -12.45 2.76
N LEU C 65 8.77 -12.21 1.53
CA LEU C 65 8.40 -13.10 0.43
C LEU C 65 9.29 -12.96 -0.80
N ASN C 66 10.60 -12.79 -0.59
CA ASN C 66 11.50 -12.67 -1.74
C ASN C 66 11.82 -14.02 -2.35
N THR C 67 11.61 -15.09 -1.58
CA THR C 67 11.78 -16.45 -2.08
C THR C 67 10.72 -16.81 -3.13
N ARG C 68 9.60 -16.09 -3.09
CA ARG C 68 8.47 -16.43 -3.95
C ARG C 68 8.29 -15.44 -5.12
N LEU C 69 8.99 -14.31 -5.06
CA LEU C 69 8.86 -13.26 -6.08
C LEU C 69 10.02 -13.22 -7.07
N THR C 70 9.65 -13.10 -8.34
CA THR C 70 10.60 -12.79 -9.38
C THR C 70 10.03 -11.65 -10.24
N ILE C 71 10.84 -10.64 -10.51
CA ILE C 71 10.41 -9.52 -11.35
C ILE C 71 11.32 -9.39 -12.56
N THR C 72 10.73 -9.08 -13.72
CA THR C 72 11.49 -8.99 -14.95
C THR C 72 10.91 -7.92 -15.86
N LYS C 73 11.73 -7.39 -16.76
CA LYS C 73 11.26 -6.31 -17.64
C LYS C 73 11.47 -6.61 -19.11
N ASP C 74 10.66 -5.96 -19.95
CA ASP C 74 10.79 -6.05 -21.38
C ASP C 74 10.70 -4.64 -21.94
N THR C 75 11.80 -3.91 -21.88
CA THR C 75 11.77 -2.47 -22.08
C THR C 75 11.42 -2.06 -23.51
N SER C 76 11.42 -3.02 -24.43
CA SER C 76 11.04 -2.73 -25.82
C SER C 76 9.55 -2.95 -26.05
N LYS C 77 8.90 -3.60 -25.09
CA LYS C 77 7.46 -3.84 -25.16
C LYS C 77 6.72 -3.00 -24.11
N ASN C 78 7.47 -2.24 -23.32
CA ASN C 78 6.90 -1.43 -22.26
C ASN C 78 6.09 -2.22 -21.26
N GLN C 79 6.68 -3.31 -20.77
CA GLN C 79 6.01 -4.16 -19.82
C GLN C 79 6.93 -4.60 -18.71
N VAL C 80 6.34 -4.89 -17.56
CA VAL C 80 7.05 -5.48 -16.45
C VAL C 80 6.23 -6.67 -15.96
N VAL C 81 6.90 -7.76 -15.60
CA VAL C 81 6.22 -8.96 -15.16
C VAL C 81 6.60 -9.36 -13.74
N LEU C 82 5.60 -9.55 -12.89
CA LEU C 82 5.81 -10.07 -11.56
C LEU C 82 5.28 -11.48 -11.48
N VAL C 83 6.10 -12.37 -10.94
CA VAL C 83 5.73 -13.77 -10.81
C VAL C 83 5.81 -14.17 -9.35
N MET C 84 4.75 -14.80 -8.87
CA MET C 84 4.68 -15.23 -7.49
C MET C 84 4.32 -16.71 -7.41
N THR C 85 5.22 -17.50 -6.84
CA THR C 85 5.03 -18.94 -6.72
C THR C 85 4.32 -19.33 -5.41
N ARG C 86 3.80 -20.55 -5.38
CA ARG C 86 3.24 -21.13 -4.16
C ARG C 86 2.26 -20.20 -3.44
N VAL C 87 1.33 -19.62 -4.19
CA VAL C 87 0.36 -18.71 -3.60
C VAL C 87 -0.56 -19.39 -2.60
N SER C 88 -1.14 -18.60 -1.71
CA SER C 88 -2.12 -19.06 -0.74
C SER C 88 -3.17 -17.97 -0.55
N PRO C 89 -4.34 -18.32 -0.01
CA PRO C 89 -5.42 -17.34 0.15
C PRO C 89 -4.98 -16.02 0.77
N VAL C 90 -3.89 -16.03 1.53
CA VAL C 90 -3.40 -14.82 2.19
C VAL C 90 -2.83 -13.81 1.17
N ASP C 91 -2.60 -14.30 -0.05
CA ASP C 91 -2.12 -13.45 -1.15
C ASP C 91 -3.25 -12.85 -1.97
N THR C 92 -4.48 -13.01 -1.49
CA THR C 92 -5.65 -12.42 -2.15
C THR C 92 -5.68 -10.91 -1.89
N ALA C 93 -5.75 -10.12 -2.96
CA ALA C 93 -5.62 -8.67 -2.84
C ALA C 93 -5.77 -7.98 -4.18
N THR C 94 -5.81 -6.66 -4.14
CA THR C 94 -5.64 -5.87 -5.35
C THR C 94 -4.16 -5.58 -5.57
N TYR C 95 -3.66 -5.89 -6.76
CA TYR C 95 -2.25 -5.65 -7.09
C TYR C 95 -2.10 -4.45 -7.98
N PHE C 96 -1.27 -3.50 -7.53
CA PHE C 96 -0.99 -2.28 -8.27
C PHE C 96 0.42 -2.28 -8.81
N CYS C 97 0.61 -1.75 -10.01
CA CYS C 97 1.94 -1.35 -10.44
C CYS C 97 2.00 0.16 -10.46
N ALA C 98 3.19 0.71 -10.29
CA ALA C 98 3.37 2.15 -10.18
C ALA C 98 4.74 2.56 -10.71
N HIS C 99 4.84 3.83 -11.09
CA HIS C 99 6.03 4.36 -11.74
C HIS C 99 6.85 5.14 -10.73
N ARG C 100 8.18 5.06 -10.86
CA ARG C 100 9.08 5.85 -10.02
C ARG C 100 10.01 6.73 -10.84
N ARG C 101 9.97 8.04 -10.59
CA ARG C 101 10.79 8.97 -11.35
C ARG C 101 12.25 8.71 -11.11
N GLY C 102 13.05 8.83 -12.17
CA GLY C 102 14.49 8.81 -12.03
C GLY C 102 14.96 10.20 -11.64
N PRO C 103 16.21 10.31 -11.16
CA PRO C 103 16.76 11.58 -10.68
C PRO C 103 16.91 12.59 -11.82
N THR C 104 16.74 13.87 -11.51
CA THR C 104 17.02 14.92 -12.47
C THR C 104 18.53 15.10 -12.61
N THR C 105 19.10 14.52 -13.66
CA THR C 105 20.54 14.48 -13.84
C THR C 105 21.04 15.53 -14.82
N LEU C 106 22.28 15.98 -14.64
CA LEU C 106 22.91 16.85 -15.62
C LEU C 106 23.33 16.00 -16.83
N PHE C 107 22.34 15.31 -17.41
CA PHE C 107 22.59 14.34 -18.47
C PHE C 107 23.68 13.37 -18.07
N GLY C 108 23.34 12.44 -17.18
CA GLY C 108 24.28 11.43 -16.75
C GLY C 108 24.54 11.43 -15.25
N VAL C 109 25.20 12.49 -14.77
CA VAL C 109 25.53 12.60 -13.35
C VAL C 109 24.39 13.22 -12.57
N PRO C 110 23.83 12.46 -11.62
CA PRO C 110 22.69 12.91 -10.82
C PRO C 110 23.00 14.17 -10.03
N ILE C 111 21.97 14.94 -9.70
CA ILE C 111 22.11 16.15 -8.89
C ILE C 111 20.85 16.39 -8.07
N ALA C 112 19.71 16.49 -8.76
CA ALA C 112 18.41 16.68 -8.10
C ALA C 112 17.63 15.37 -8.07
N ARG C 113 17.87 14.58 -7.02
CA ARG C 113 17.22 13.28 -6.86
C ARG C 113 15.90 13.38 -6.09
N GLY C 114 15.40 14.60 -5.90
CA GLY C 114 14.20 14.83 -5.12
C GLY C 114 12.94 14.12 -5.60
N PRO C 115 12.70 14.14 -6.93
CA PRO C 115 11.47 13.55 -7.48
C PRO C 115 11.41 12.03 -7.37
N VAL C 116 12.51 11.38 -7.02
CA VAL C 116 12.53 9.91 -6.90
C VAL C 116 11.89 9.43 -5.61
N ASN C 117 11.61 10.35 -4.68
CA ASN C 117 11.06 9.93 -3.39
C ASN C 117 9.54 9.92 -3.38
N ALA C 118 8.97 9.13 -4.28
CA ALA C 118 7.54 8.89 -4.35
C ALA C 118 7.28 7.94 -5.51
N MET C 119 6.16 7.23 -5.45
CA MET C 119 5.64 6.51 -6.61
C MET C 119 4.56 7.40 -7.17
N ASP C 120 4.84 8.06 -8.29
CA ASP C 120 4.01 9.20 -8.71
C ASP C 120 2.80 8.86 -9.59
N VAL C 121 2.81 7.69 -10.23
CA VAL C 121 1.70 7.30 -11.09
C VAL C 121 1.36 5.84 -10.84
N TRP C 122 0.09 5.57 -10.54
CA TRP C 122 -0.34 4.22 -10.22
C TRP C 122 -1.27 3.66 -11.27
N GLY C 123 -1.22 2.35 -11.45
CA GLY C 123 -2.15 1.69 -12.35
C GLY C 123 -3.50 1.60 -11.67
N GLN C 124 -4.52 1.18 -12.41
CA GLN C 124 -5.84 1.08 -11.84
C GLN C 124 -5.90 0.02 -10.73
N GLY C 125 -5.07 -1.01 -10.85
CA GLY C 125 -5.10 -2.12 -9.92
C GLY C 125 -5.83 -3.29 -10.54
N ILE C 126 -5.45 -4.50 -10.14
CA ILE C 126 -6.15 -5.70 -10.59
C ILE C 126 -6.51 -6.56 -9.38
N THR C 127 -7.77 -6.97 -9.30
CA THR C 127 -8.23 -7.77 -8.17
C THR C 127 -7.97 -9.24 -8.43
N VAL C 128 -7.21 -9.86 -7.53
CA VAL C 128 -6.80 -11.24 -7.71
C VAL C 128 -7.13 -12.06 -6.48
N THR C 129 -7.75 -13.21 -6.70
CA THR C 129 -8.20 -14.06 -5.61
C THR C 129 -7.60 -15.45 -5.70
N ILE C 130 -6.95 -15.87 -4.61
CA ILE C 130 -6.44 -17.23 -4.52
C ILE C 130 -7.39 -18.08 -3.69
N SER C 131 -8.00 -19.06 -4.34
CA SER C 131 -9.01 -19.89 -3.69
C SER C 131 -9.22 -21.19 -4.45
N SER C 132 -9.84 -22.16 -3.79
CA SER C 132 -10.17 -23.43 -4.43
C SER C 132 -11.59 -23.40 -5.00
N THR C 133 -12.35 -22.39 -4.61
CA THR C 133 -13.68 -22.17 -5.17
C THR C 133 -13.58 -21.87 -6.67
N SER C 134 -14.50 -22.47 -7.44
CA SER C 134 -14.53 -22.34 -8.89
C SER C 134 -15.31 -21.10 -9.31
N THR C 135 -14.96 -20.54 -10.46
CA THR C 135 -15.64 -19.35 -10.98
C THR C 135 -17.12 -19.61 -11.17
N LYS C 136 -17.94 -18.60 -10.91
CA LYS C 136 -19.37 -18.74 -11.04
C LYS C 136 -20.05 -17.39 -11.22
N GLY C 137 -20.77 -17.23 -12.33
CA GLY C 137 -21.52 -16.01 -12.59
C GLY C 137 -22.59 -15.74 -11.56
N PRO C 138 -23.22 -14.55 -11.63
CA PRO C 138 -24.25 -14.11 -10.68
C PRO C 138 -25.67 -14.26 -11.23
N SER C 139 -26.62 -14.53 -10.33
CA SER C 139 -28.03 -14.41 -10.63
C SER C 139 -28.47 -13.04 -10.16
N VAL C 140 -29.22 -12.32 -10.98
CA VAL C 140 -29.67 -10.98 -10.60
C VAL C 140 -31.17 -10.98 -10.30
N PHE C 141 -31.52 -10.70 -9.03
CA PHE C 141 -32.92 -10.65 -8.61
C PHE C 141 -33.38 -9.22 -8.35
N PRO C 142 -34.69 -8.96 -8.52
CA PRO C 142 -35.26 -7.63 -8.34
C PRO C 142 -35.45 -7.27 -6.87
N LEU C 143 -35.28 -6.00 -6.54
CA LEU C 143 -35.72 -5.49 -5.26
C LEU C 143 -36.81 -4.47 -5.56
N ALA C 144 -37.96 -4.98 -5.96
CA ALA C 144 -39.05 -4.15 -6.48
C ALA C 144 -39.63 -3.18 -5.46
N PRO C 145 -40.09 -2.00 -5.93
CA PRO C 145 -40.69 -0.96 -5.10
C PRO C 145 -42.10 -1.37 -4.64
N SER C 146 -42.55 -0.81 -3.53
CA SER C 146 -43.87 -1.12 -3.01
C SER C 146 -44.24 -0.19 -1.87
N SER C 147 -45.32 -0.54 -1.15
CA SER C 147 -45.76 0.26 -0.01
C SER C 147 -44.71 0.26 1.10
N LYS C 148 -44.25 -0.93 1.50
CA LYS C 148 -43.26 -1.06 2.55
C LYS C 148 -41.86 -0.67 2.06
N SER C 149 -41.80 -0.22 0.81
CA SER C 149 -40.54 0.20 0.21
C SER C 149 -40.58 1.68 -0.15
N THR C 150 -41.77 2.24 -0.23
CA THR C 150 -41.95 3.66 -0.51
C THR C 150 -42.45 4.38 0.73
N SER C 151 -41.54 5.06 1.41
CA SER C 151 -41.89 5.79 2.64
C SER C 151 -41.58 7.27 2.48
N GLY C 152 -42.52 8.11 2.89
CA GLY C 152 -42.34 9.55 2.80
C GLY C 152 -42.72 10.11 1.44
N GLY C 153 -41.75 10.74 0.77
CA GLY C 153 -42.01 11.39 -0.50
C GLY C 153 -41.35 10.74 -1.70
N THR C 154 -40.47 9.78 -1.45
CA THR C 154 -39.76 9.10 -2.53
C THR C 154 -39.64 7.59 -2.31
N ALA C 155 -39.83 6.83 -3.39
CA ALA C 155 -39.76 5.38 -3.33
C ALA C 155 -38.32 4.87 -3.27
N ALA C 156 -38.14 3.58 -3.44
CA ALA C 156 -36.81 2.96 -3.39
C ALA C 156 -36.84 1.55 -3.98
N LEU C 157 -35.88 1.27 -4.86
CA LEU C 157 -35.79 -0.04 -5.50
C LEU C 157 -34.34 -0.43 -5.72
N GLY C 158 -34.11 -1.66 -6.16
CA GLY C 158 -32.76 -2.11 -6.39
C GLY C 158 -32.63 -3.48 -7.01
N CYS C 159 -31.40 -4.00 -6.97
CA CYS C 159 -31.08 -5.32 -7.50
C CYS C 159 -30.26 -6.10 -6.49
N LEU C 160 -30.49 -7.40 -6.40
CA LEU C 160 -29.72 -8.27 -5.53
C LEU C 160 -28.85 -9.19 -6.39
N VAL C 161 -27.54 -8.95 -6.38
CA VAL C 161 -26.59 -9.72 -7.16
C VAL C 161 -26.05 -10.89 -6.34
N LYS C 162 -26.65 -12.05 -6.53
CA LYS C 162 -26.46 -13.19 -5.64
C LYS C 162 -25.55 -14.28 -6.21
N ASP C 163 -24.68 -14.81 -5.36
CA ASP C 163 -23.91 -16.02 -5.65
C ASP C 163 -23.01 -15.95 -6.88
N TYR C 164 -21.92 -15.21 -6.77
CA TYR C 164 -20.93 -15.19 -7.82
C TYR C 164 -19.54 -15.42 -7.23
N PHE C 165 -18.55 -15.66 -8.08
CA PHE C 165 -17.19 -15.82 -7.61
C PHE C 165 -16.22 -15.75 -8.80
N PRO C 166 -15.11 -15.02 -8.64
CA PRO C 166 -14.75 -14.22 -7.46
C PRO C 166 -15.17 -12.77 -7.64
N GLU C 167 -14.63 -11.90 -6.81
CA GLU C 167 -14.77 -10.48 -7.03
C GLU C 167 -13.95 -10.13 -8.26
N PRO C 168 -14.28 -9.02 -8.94
CA PRO C 168 -15.34 -8.08 -8.60
C PRO C 168 -16.51 -8.14 -9.56
N VAL C 169 -17.57 -7.44 -9.19
CA VAL C 169 -18.75 -7.28 -10.03
C VAL C 169 -18.98 -5.76 -10.15
N THR C 170 -19.50 -5.30 -11.28
CA THR C 170 -19.79 -3.88 -11.44
C THR C 170 -21.27 -3.62 -11.68
N VAL C 171 -21.82 -2.59 -11.04
CA VAL C 171 -23.24 -2.29 -11.11
C VAL C 171 -23.49 -0.85 -11.54
N SER C 172 -24.23 -0.68 -12.64
CA SER C 172 -24.63 0.65 -13.10
C SER C 172 -26.13 0.67 -13.36
N TRP C 173 -26.74 1.85 -13.22
CA TRP C 173 -28.18 1.99 -13.43
C TRP C 173 -28.50 2.82 -14.67
N ASN C 174 -29.34 2.27 -15.54
CA ASN C 174 -29.69 2.92 -16.80
C ASN C 174 -28.46 3.34 -17.61
N SER C 175 -27.50 2.43 -17.72
CA SER C 175 -26.32 2.65 -18.53
C SER C 175 -25.53 3.90 -18.15
N GLY C 176 -25.75 4.38 -16.93
CA GLY C 176 -25.03 5.54 -16.44
C GLY C 176 -25.92 6.75 -16.27
N ALA C 177 -26.98 6.81 -17.06
CA ALA C 177 -27.94 7.91 -16.98
C ALA C 177 -28.35 8.20 -15.55
N LEU C 178 -28.53 7.13 -14.77
CA LEU C 178 -28.95 7.27 -13.38
C LEU C 178 -27.76 7.13 -12.44
N THR C 179 -27.52 8.16 -11.62
CA THR C 179 -26.47 8.12 -10.62
C THR C 179 -26.98 8.71 -9.32
N SER C 180 -28.00 9.55 -9.41
CA SER C 180 -28.54 10.23 -8.25
C SER C 180 -29.15 9.24 -7.26
N GLY C 181 -28.66 9.28 -6.02
CA GLY C 181 -29.22 8.46 -4.96
C GLY C 181 -28.89 6.98 -5.08
N VAL C 182 -27.88 6.66 -5.87
CA VAL C 182 -27.46 5.29 -6.10
C VAL C 182 -26.49 4.81 -5.02
N HIS C 183 -26.86 3.74 -4.32
CA HIS C 183 -25.99 3.16 -3.31
C HIS C 183 -25.66 1.73 -3.68
N THR C 184 -24.40 1.50 -4.02
CA THR C 184 -23.95 0.15 -4.34
C THR C 184 -23.08 -0.40 -3.22
N PHE C 185 -23.68 -1.23 -2.38
CA PHE C 185 -22.98 -1.77 -1.22
C PHE C 185 -21.85 -2.70 -1.59
N PRO C 186 -20.87 -2.82 -0.70
CA PRO C 186 -19.77 -3.79 -0.83
C PRO C 186 -20.28 -5.22 -0.82
N ALA C 187 -19.54 -6.11 -1.47
CA ALA C 187 -19.91 -7.51 -1.53
C ALA C 187 -19.59 -8.19 -0.20
N VAL C 188 -20.45 -9.13 0.18
CA VAL C 188 -20.20 -9.95 1.36
C VAL C 188 -20.01 -11.40 0.94
N LEU C 189 -19.13 -12.11 1.64
CA LEU C 189 -18.85 -13.50 1.33
C LEU C 189 -19.77 -14.39 2.16
N GLN C 190 -20.61 -15.16 1.49
CA GLN C 190 -21.62 -15.97 2.15
C GLN C 190 -21.03 -17.27 2.67
N SER C 191 -21.82 -18.01 3.43
CA SER C 191 -21.35 -19.25 4.06
C SER C 191 -20.92 -20.29 3.04
N SER C 192 -21.41 -20.18 1.83
CA SER C 192 -21.10 -21.14 0.76
C SER C 192 -19.75 -20.86 0.09
N GLY C 193 -19.26 -19.63 0.23
CA GLY C 193 -18.01 -19.25 -0.39
C GLY C 193 -18.24 -18.39 -1.63
N LEU C 194 -19.49 -17.99 -1.85
CA LEU C 194 -19.85 -17.12 -2.95
C LEU C 194 -20.21 -15.73 -2.45
N TYR C 195 -19.96 -14.74 -3.30
CA TYR C 195 -20.21 -13.36 -2.91
C TYR C 195 -21.65 -12.97 -3.24
N SER C 196 -22.11 -11.91 -2.59
CA SER C 196 -23.47 -11.42 -2.78
C SER C 196 -23.47 -9.95 -2.43
N LEU C 197 -24.15 -9.15 -3.25
CA LEU C 197 -24.27 -7.73 -2.97
C LEU C 197 -25.55 -7.17 -3.55
N SER C 198 -25.98 -6.03 -3.02
CA SER C 198 -27.12 -5.34 -3.55
C SER C 198 -26.75 -3.93 -3.98
N SER C 199 -27.49 -3.41 -4.96
CA SER C 199 -27.41 -2.02 -5.36
C SER C 199 -28.82 -1.44 -5.29
N VAL C 200 -28.96 -0.30 -4.63
CA VAL C 200 -30.28 0.33 -4.47
C VAL C 200 -30.29 1.74 -5.01
N VAL C 201 -31.48 2.21 -5.40
CA VAL C 201 -31.64 3.56 -5.91
C VAL C 201 -32.96 4.17 -5.43
N THR C 202 -32.89 5.39 -4.92
CA THR C 202 -34.08 6.08 -4.44
C THR C 202 -34.62 7.01 -5.52
N VAL C 203 -35.88 6.80 -5.89
CA VAL C 203 -36.50 7.56 -6.97
C VAL C 203 -37.78 8.25 -6.50
N PRO C 204 -38.27 9.21 -7.30
CA PRO C 204 -39.55 9.89 -7.01
C PRO C 204 -40.71 8.90 -6.97
N SER C 205 -41.45 8.89 -5.86
CA SER C 205 -42.58 7.98 -5.69
C SER C 205 -43.62 8.23 -6.76
N SER C 206 -43.52 9.36 -7.43
CA SER C 206 -44.46 9.73 -8.48
C SER C 206 -43.78 9.67 -9.85
N SER C 207 -43.26 8.49 -10.20
CA SER C 207 -42.61 8.29 -11.49
C SER C 207 -42.19 6.83 -11.65
N LEU C 208 -42.75 5.98 -10.80
CA LEU C 208 -42.36 4.57 -10.76
C LEU C 208 -42.83 3.78 -11.98
N GLY C 209 -44.13 3.76 -12.21
CA GLY C 209 -44.69 3.01 -13.32
C GLY C 209 -44.56 3.71 -14.66
N THR C 210 -43.84 4.84 -14.66
CA THR C 210 -43.63 5.63 -15.88
C THR C 210 -42.19 5.54 -16.34
N GLN C 211 -41.27 5.87 -15.45
CA GLN C 211 -39.84 5.80 -15.75
C GLN C 211 -39.33 4.37 -15.65
N THR C 212 -38.48 3.99 -16.59
CA THR C 212 -37.90 2.64 -16.62
C THR C 212 -36.57 2.59 -15.87
N TYR C 213 -36.44 1.63 -14.96
CA TYR C 213 -35.21 1.47 -14.19
C TYR C 213 -34.57 0.11 -14.41
N ILE C 214 -33.36 0.13 -14.95
CA ILE C 214 -32.63 -1.09 -15.26
C ILE C 214 -31.24 -1.03 -14.62
N CYS C 215 -30.85 -2.11 -13.95
CA CYS C 215 -29.51 -2.19 -13.38
C CYS C 215 -28.62 -3.06 -14.27
N ASN C 216 -27.44 -2.56 -14.59
CA ASN C 216 -26.54 -3.24 -15.50
C ASN C 216 -25.42 -3.95 -14.75
N VAL C 217 -25.49 -5.28 -14.74
CA VAL C 217 -24.55 -6.10 -14.00
C VAL C 217 -23.49 -6.70 -14.92
N ASN C 218 -22.23 -6.48 -14.57
CA ASN C 218 -21.11 -7.08 -15.29
C ASN C 218 -20.16 -7.80 -14.34
N HIS C 219 -19.93 -9.08 -14.62
CA HIS C 219 -18.99 -9.87 -13.83
C HIS C 219 -17.93 -10.46 -14.77
N LYS C 220 -16.89 -9.68 -15.03
CA LYS C 220 -15.88 -10.06 -16.03
C LYS C 220 -15.27 -11.45 -15.86
N PRO C 221 -14.94 -11.85 -14.62
CA PRO C 221 -14.31 -13.17 -14.40
C PRO C 221 -15.11 -14.35 -14.96
N SER C 222 -16.42 -14.20 -15.08
CA SER C 222 -17.27 -15.23 -15.68
C SER C 222 -17.84 -14.76 -17.02
N ASN C 223 -17.40 -13.59 -17.46
CA ASN C 223 -17.85 -13.02 -18.72
C ASN C 223 -19.38 -12.93 -18.83
N THR C 224 -20.03 -12.71 -17.68
CA THR C 224 -21.48 -12.59 -17.60
C THR C 224 -21.96 -11.13 -17.61
N LYS C 225 -22.82 -10.80 -18.55
CA LYS C 225 -23.48 -9.50 -18.57
C LYS C 225 -24.98 -9.71 -18.38
N VAL C 226 -25.59 -8.95 -17.48
CA VAL C 226 -27.02 -9.06 -17.24
C VAL C 226 -27.67 -7.70 -17.11
N ASP C 227 -28.83 -7.54 -17.75
CA ASP C 227 -29.63 -6.33 -17.61
C ASP C 227 -30.99 -6.70 -17.04
N LYS C 228 -31.31 -6.18 -15.86
CA LYS C 228 -32.60 -6.48 -15.25
C LYS C 228 -33.45 -5.23 -14.99
N LYS C 229 -34.64 -5.20 -15.58
CA LYS C 229 -35.60 -4.14 -15.33
C LYS C 229 -36.27 -4.38 -13.99
N VAL C 230 -36.30 -3.35 -13.15
CA VAL C 230 -36.89 -3.47 -11.82
C VAL C 230 -38.20 -2.70 -11.75
N GLU C 231 -39.31 -3.39 -11.99
CA GLU C 231 -40.62 -2.77 -11.94
C GLU C 231 -41.35 -3.12 -10.66
N PRO C 232 -42.23 -2.23 -10.20
CA PRO C 232 -42.98 -2.38 -8.95
C PRO C 232 -43.70 -3.72 -8.85
N LYS C 233 -43.99 -4.14 -7.62
CA LYS C 233 -44.70 -5.39 -7.38
C LYS C 233 -46.10 -5.29 -7.96
N SER C 234 -46.61 -6.41 -8.47
CA SER C 234 -47.96 -6.47 -9.03
C SER C 234 -49.00 -6.34 -7.93
N CYS C 235 -48.66 -5.63 -6.87
CA CYS C 235 -49.54 -5.45 -5.73
C CYS C 235 -50.44 -4.24 -5.93
N ASP C 236 -51.21 -4.25 -7.02
CA ASP C 236 -52.12 -3.15 -7.33
C ASP C 236 -53.46 -3.65 -7.87
N LYS C 237 -53.41 -4.39 -8.98
CA LYS C 237 -54.61 -5.01 -9.54
C LYS C 237 -54.43 -6.52 -9.60
OH2 1PE D . -11.02 0.72 -1.71
C12 1PE D . -10.08 1.27 -0.81
C22 1PE D . -10.83 2.14 0.23
OH3 1PE D . -9.90 2.85 1.02
C13 1PE D . -9.86 1.12 2.71
C23 1PE D . -9.05 2.15 1.91
OH4 1PE D . -9.08 0.56 3.73
C14 1PE D . -7.54 0.65 5.57
C24 1PE D . -8.68 1.34 4.83
OH5 1PE D . -6.89 1.61 6.36
C15 1PE D . -6.81 3.15 8.19
C25 1PE D . -7.66 2.53 7.09
OH6 1PE D . -7.25 2.70 9.44
C16 1PE D . -8.91 2.37 11.14
C26 1PE D . -8.63 2.49 9.65
OH7 1PE D . -10.25 2.69 11.38
PG ATP E . 16.45 -17.48 14.06
PG ATP E . 15.43 -16.70 14.88
O1G ATP E . 15.52 -16.49 13.42
O1G ATP E . 14.26 -16.66 13.97
O2G ATP E . 15.78 -18.74 14.57
O2G ATP E . 16.20 -15.41 14.94
O3G ATP E . 17.42 -16.87 15.04
O3G ATP E . 15.14 -17.29 16.19
PB ATP E . 18.38 -17.00 12.08
PB ATP E . 18.02 -17.53 13.67
O1B ATP E . 17.58 -15.81 11.59
O1B ATP E . 18.70 -16.55 14.55
O2B ATP E . 19.58 -16.78 12.97
O2B ATP E . 18.65 -18.86 13.61
O3B ATP E . 17.37 -18.00 12.85
O3B ATP E . 16.50 -17.70 14.21
PA ATP E . 19.79 -17.22 9.65
PA ATP E . 18.96 -16.16 11.33
O1A ATP E . 21.18 -17.77 9.82
O1A ATP E . 18.67 -14.71 11.37
O2A ATP E . 19.54 -15.73 9.63
O2A ATP E . 20.27 -16.61 11.77
O3A ATP E . 18.84 -17.86 10.80
O3A ATP E . 17.87 -16.92 12.21
O5' ATP E . 19.14 -17.84 8.30
O5' ATP E . 18.76 -16.58 9.78
C5' ATP E . 18.69 -17.00 7.25
C5' ATP E . 18.64 -17.93 9.29
C4' ATP E . 17.27 -16.58 7.62
C4' ATP E . 17.40 -18.03 8.44
O4' ATP E . 16.68 -15.71 6.65
O4' ATP E . 17.53 -16.93 7.56
C3' ATP E . 16.30 -17.75 7.77
C3' ATP E . 17.14 -19.24 7.50
O3' ATP E . 16.30 -18.25 9.10
O3' ATP E . 15.82 -19.33 6.96
C2' ATP E . 14.95 -17.15 7.41
C2' ATP E . 18.02 -18.83 6.34
O2' ATP E . 14.14 -17.06 8.59
O2' ATP E . 17.70 -19.39 5.08
C1' ATP E . 15.27 -15.76 6.87
C1' ATP E . 17.60 -17.38 6.20
N9 ATP E . 14.51 -15.52 5.62
N9 ATP E . 18.61 -16.63 5.38
C8 ATP E . 13.53 -16.31 5.13
C8 ATP E . 19.99 -16.64 5.52
N7 ATP E . 13.02 -15.80 3.99
N7 ATP E . 20.62 -15.98 4.57
C5 ATP E . 13.66 -14.66 3.73
C5 ATP E . 19.59 -15.63 3.66
C6 ATP E . 13.61 -13.62 2.67
C6 ATP E . 19.65 -14.97 2.39
N6 ATP E . 12.73 -13.74 1.65
N6 ATP E . 20.77 -14.66 1.73
N1 ATP E . 14.46 -12.57 2.78
N1 ATP E . 18.42 -14.63 1.87
C2 ATP E . 15.34 -12.47 3.79
C2 ATP E . 17.30 -14.96 2.59
N3 ATP E . 15.44 -13.36 4.79
N3 ATP E . 17.14 -15.77 3.63
C4 ATP E . 14.64 -14.46 4.82
C4 ATP E . 18.35 -15.96 4.19
C1 GOL F . 21.05 15.54 3.16
O1 GOL F . 22.10 15.73 4.11
C2 GOL F . 20.37 14.18 3.38
O2 GOL F . 21.05 13.46 4.39
C3 GOL F . 20.39 13.37 2.09
O3 GOL F . 21.70 12.91 1.82
#